data_1O58
#
_entry.id   1O58
#
_cell.length_a   67.570
_cell.length_b   84.590
_cell.length_c   107.220
_cell.angle_alpha   90.00
_cell.angle_beta   95.39
_cell.angle_gamma   90.00
#
_symmetry.space_group_name_H-M   'P 1 21 1'
#
loop_
_entity.id
_entity.type
_entity.pdbx_description
1 polymer 'O-acetylserine sulfhydrylase'
2 non-polymer 'PHOSPHATE ION'
3 water water
#
_entity_poly.entity_id   1
_entity_poly.type   'polypeptide(L)'
_entity_poly.pdbx_seq_one_letter_code
;MGSDKIHHHHHHMMERLIGSTPIVRLDSIDSRIFLKLEKNNPGGSVKDRPALFMILDAEKRGLLKNGIVEPTSGNMGIAI
AMIGAKRGHRVILTMPETMSVERRKVLKMLGAELVLTPGELGMKGAVEKALEISRETGAHMLNQFENPYNVYSHQFTTGP
EILKQMDYQIDAFVAGVGTGGTISGVGRVLKGFFGNGVKIVAVEPAKSPVLSGGQPGKHAIQGIGAGFVPKILDRSVIDE
VITVEDEEAYEMARYLAKKEGLLVGISSGANVAAALKVAQKLGPDARVVTVAPDHAERYLSIL
;
_entity_poly.pdbx_strand_id   A,B,C,D
#
loop_
_chem_comp.id
_chem_comp.type
_chem_comp.name
_chem_comp.formula
PO4 non-polymer 'PHOSPHATE ION' 'O4 P -3'
#
# COMPACT_ATOMS: atom_id res chain seq x y z
N HIS A 11 -2.42 10.16 -16.78
CA HIS A 11 -1.65 9.65 -15.60
C HIS A 11 -2.29 8.40 -15.01
N HIS A 12 -3.13 7.71 -15.80
CA HIS A 12 -3.63 6.40 -15.42
C HIS A 12 -4.45 6.42 -14.12
N MET A 13 -5.35 7.39 -14.02
CA MET A 13 -6.11 7.60 -12.78
C MET A 13 -6.84 6.36 -12.31
N MET A 14 -7.69 5.83 -13.18
CA MET A 14 -8.58 4.73 -12.79
C MET A 14 -7.79 3.46 -12.58
N GLU A 15 -6.73 3.30 -13.37
CA GLU A 15 -5.86 2.13 -13.27
C GLU A 15 -5.32 2.06 -11.85
N ARG A 16 -4.90 3.21 -11.34
CA ARG A 16 -4.18 3.23 -10.07
C ARG A 16 -5.11 3.12 -8.87
N LEU A 17 -6.30 3.68 -9.00
CA LEU A 17 -7.26 3.71 -7.93
C LEU A 17 -7.99 2.40 -7.71
N ILE A 18 -8.26 1.68 -8.78
CA ILE A 18 -9.09 0.49 -8.69
C ILE A 18 -8.35 -0.72 -8.10
N GLY A 19 -8.97 -1.35 -7.09
CA GLY A 19 -8.38 -2.54 -6.46
C GLY A 19 -7.52 -2.27 -5.25
N SER A 20 -6.79 -3.28 -4.82
CA SER A 20 -5.96 -3.21 -3.60
C SER A 20 -6.80 -2.78 -2.39
N THR A 21 -7.94 -3.43 -2.20
CA THR A 21 -8.88 -3.16 -1.12
C THR A 21 -8.55 -3.98 0.13
N PRO A 22 -8.94 -3.48 1.31
CA PRO A 22 -8.60 -4.15 2.56
C PRO A 22 -9.51 -5.30 2.95
N ILE A 23 -8.97 -6.17 3.79
CA ILE A 23 -9.76 -7.23 4.42
C ILE A 23 -9.74 -6.99 5.91
N VAL A 24 -10.92 -7.11 6.52
CA VAL A 24 -11.10 -7.01 7.97
C VAL A 24 -11.71 -8.28 8.54
N ARG A 25 -11.29 -8.64 9.75
CA ARG A 25 -11.87 -9.75 10.49
C ARG A 25 -13.07 -9.26 11.30
N LEU A 26 -14.19 -9.95 11.20
CA LEU A 26 -15.44 -9.55 11.81
C LEU A 26 -15.52 -10.08 13.25
N ASP A 27 -14.64 -9.56 14.10
CA ASP A 27 -14.45 -10.01 15.48
C ASP A 27 -15.62 -9.80 16.37
N SER A 28 -16.55 -8.92 15.99
CA SER A 28 -17.75 -8.68 16.80
C SER A 28 -18.91 -9.56 16.37
N ILE A 29 -18.80 -10.20 15.22
CA ILE A 29 -19.85 -11.08 14.69
C ILE A 29 -19.35 -12.51 14.80
N ASP A 30 -18.30 -12.84 14.04
CA ASP A 30 -17.63 -14.13 14.15
C ASP A 30 -16.20 -13.96 13.63
N SER A 31 -15.21 -14.19 14.49
CA SER A 31 -13.82 -13.91 14.14
C SER A 31 -13.29 -14.89 13.09
N ARG A 32 -14.09 -15.87 12.68
CA ARG A 32 -13.66 -16.73 11.57
C ARG A 32 -13.93 -16.09 10.19
N ILE A 33 -14.67 -14.99 10.18
CA ILE A 33 -15.10 -14.39 8.90
C ILE A 33 -14.24 -13.18 8.56
N PHE A 34 -13.73 -13.15 7.33
CA PHE A 34 -12.83 -12.11 6.86
C PHE A 34 -13.54 -11.49 5.67
N LEU A 35 -13.66 -10.17 5.68
CA LEU A 35 -14.49 -9.44 4.74
C LEU A 35 -13.67 -8.47 3.92
N LYS A 36 -13.70 -8.62 2.60
CA LYS A 36 -12.99 -7.74 1.69
C LYS A 36 -13.87 -6.57 1.28
N LEU A 37 -13.41 -5.36 1.58
CA LEU A 37 -14.23 -4.16 1.50
C LEU A 37 -14.10 -3.47 0.16
N GLU A 38 -14.94 -3.88 -0.78
CA GLU A 38 -14.82 -3.38 -2.15
C GLU A 38 -15.35 -1.95 -2.37
N LYS A 39 -16.03 -1.40 -1.37
CA LYS A 39 -16.48 0.00 -1.41
C LYS A 39 -15.34 0.98 -1.52
N ASN A 40 -14.14 0.57 -1.13
CA ASN A 40 -12.95 1.43 -1.28
C ASN A 40 -12.55 1.79 -2.70
N ASN A 41 -13.00 1.00 -3.69
CA ASN A 41 -12.86 1.37 -5.07
C ASN A 41 -13.52 2.74 -5.38
N PRO A 42 -12.99 3.48 -6.35
CA PRO A 42 -13.45 4.85 -6.62
C PRO A 42 -14.93 4.94 -7.02
N GLY A 43 -15.45 3.91 -7.66
CA GLY A 43 -16.87 3.83 -7.98
C GLY A 43 -17.76 3.30 -6.86
N GLY A 44 -17.17 2.91 -5.75
CA GLY A 44 -17.90 2.45 -4.58
C GLY A 44 -18.31 0.99 -4.59
N SER A 45 -17.80 0.20 -5.54
CA SER A 45 -18.13 -1.21 -5.62
C SER A 45 -17.04 -2.06 -6.26
N VAL A 46 -17.14 -3.36 -6.06
CA VAL A 46 -16.27 -4.36 -6.68
C VAL A 46 -16.24 -4.30 -8.23
N LYS A 47 -17.30 -3.76 -8.82
CA LYS A 47 -17.45 -3.83 -10.28
C LYS A 47 -16.49 -2.87 -11.01
N ASP A 48 -15.82 -1.97 -10.28
CA ASP A 48 -14.79 -1.14 -10.93
C ASP A 48 -13.75 -2.06 -11.60
N ARG A 49 -13.47 -3.20 -11.00
CA ARG A 49 -12.44 -4.12 -11.54
C ARG A 49 -12.82 -4.72 -12.91
N PRO A 50 -13.94 -5.47 -13.04
CA PRO A 50 -14.35 -5.99 -14.35
C PRO A 50 -14.62 -4.88 -15.36
N ALA A 51 -15.18 -3.76 -14.91
CA ALA A 51 -15.46 -2.65 -15.82
C ALA A 51 -14.17 -2.14 -16.47
N LEU A 52 -13.18 -1.89 -15.64
CA LEU A 52 -11.89 -1.45 -16.15
C LEU A 52 -11.31 -2.47 -17.13
N PHE A 53 -11.30 -3.74 -16.76
CA PHE A 53 -10.72 -4.78 -17.63
C PHE A 53 -11.43 -4.86 -18.99
N MET A 54 -12.76 -4.88 -18.93
CA MET A 54 -13.55 -4.96 -20.15
C MET A 54 -13.33 -3.73 -21.04
N ILE A 55 -13.31 -2.54 -20.45
CA ILE A 55 -13.10 -1.31 -21.25
C ILE A 55 -11.71 -1.28 -21.87
N LEU A 56 -10.68 -1.63 -21.10
CA LEU A 56 -9.31 -1.69 -21.62
C LEU A 56 -9.18 -2.65 -22.79
N ASP A 57 -9.80 -3.81 -22.70
CA ASP A 57 -9.86 -4.74 -23.85
C ASP A 57 -10.56 -4.14 -25.06
N ALA A 58 -11.70 -3.49 -24.84
CA ALA A 58 -12.46 -2.90 -25.91
C ALA A 58 -11.72 -1.75 -26.58
N GLU A 59 -11.03 -0.97 -25.77
CA GLU A 59 -10.20 0.13 -26.30
C GLU A 59 -9.10 -0.37 -27.21
N LYS A 60 -8.37 -1.38 -26.74
CA LYS A 60 -7.29 -2.00 -27.52
C LYS A 60 -7.78 -2.54 -28.86
N ARG A 61 -8.97 -3.13 -28.88
CA ARG A 61 -9.52 -3.70 -30.10
C ARG A 61 -10.35 -2.72 -30.95
N GLY A 62 -10.43 -1.46 -30.52
CA GLY A 62 -11.03 -0.41 -31.34
C GLY A 62 -12.53 -0.51 -31.47
N LEU A 63 -13.19 -0.95 -30.39
CA LEU A 63 -14.59 -1.29 -30.45
C LEU A 63 -15.52 -0.19 -29.93
N LEU A 64 -14.95 0.95 -29.52
CA LEU A 64 -15.71 1.96 -28.78
C LEU A 64 -15.89 3.31 -29.53
N LYS A 65 -15.85 3.27 -30.86
CA LYS A 65 -15.96 4.52 -31.61
C LYS A 65 -17.30 5.18 -31.30
N ASN A 66 -18.31 4.38 -31.06
CA ASN A 66 -19.65 4.88 -30.77
C ASN A 66 -20.07 4.78 -29.30
N GLY A 67 -19.10 4.59 -28.43
CA GLY A 67 -19.37 4.50 -27.01
C GLY A 67 -19.82 3.13 -26.57
N ILE A 68 -20.38 3.10 -25.36
CA ILE A 68 -20.72 1.87 -24.68
C ILE A 68 -22.19 1.90 -24.34
N VAL A 69 -22.84 0.76 -24.53
CA VAL A 69 -24.14 0.49 -23.91
C VAL A 69 -24.11 -0.85 -23.14
N GLU A 70 -24.57 -0.84 -21.90
CA GLU A 70 -24.49 -2.05 -21.11
C GLU A 70 -25.69 -2.17 -20.16
N PRO A 71 -26.24 -3.38 -20.05
CA PRO A 71 -27.27 -3.63 -19.06
C PRO A 71 -26.65 -3.80 -17.71
N THR A 72 -27.35 -3.40 -16.66
CA THR A 72 -26.75 -3.42 -15.35
C THR A 72 -27.80 -3.48 -14.26
N SER A 73 -27.41 -4.01 -13.10
CA SER A 73 -28.25 -3.90 -11.88
C SER A 73 -27.85 -2.66 -11.07
N GLY A 74 -26.82 -1.95 -11.51
CA GLY A 74 -26.46 -0.64 -10.94
C GLY A 74 -24.95 -0.47 -10.86
N ASN A 75 -24.27 -1.40 -10.19
CA ASN A 75 -22.84 -1.18 -9.91
C ASN A 75 -21.91 -1.24 -11.10
N MET A 76 -22.11 -2.22 -11.97
CA MET A 76 -21.28 -2.29 -13.19
C MET A 76 -21.53 -1.03 -14.00
N GLY A 77 -22.78 -0.57 -14.07
CA GLY A 77 -23.11 0.66 -14.78
C GLY A 77 -22.43 1.90 -14.18
N ILE A 78 -22.41 1.99 -12.85
CA ILE A 78 -21.72 3.09 -12.19
C ILE A 78 -20.20 3.09 -12.51
N ALA A 79 -19.61 1.90 -12.47
CA ALA A 79 -18.19 1.74 -12.76
C ALA A 79 -17.94 2.14 -14.21
N ILE A 80 -18.74 1.65 -15.15
CA ILE A 80 -18.57 2.02 -16.56
C ILE A 80 -18.77 3.49 -16.77
N ALA A 81 -19.80 4.05 -16.13
CA ALA A 81 -20.08 5.48 -16.28
C ALA A 81 -18.89 6.33 -15.79
N MET A 82 -18.29 5.94 -14.66
CA MET A 82 -17.16 6.66 -14.07
C MET A 82 -15.95 6.59 -15.00
N ILE A 83 -15.61 5.38 -15.42
CA ILE A 83 -14.44 5.19 -16.30
C ILE A 83 -14.64 5.87 -17.64
N GLY A 84 -15.84 5.81 -18.18
CA GLY A 84 -16.20 6.59 -19.39
C GLY A 84 -16.13 8.09 -19.27
N ALA A 85 -16.58 8.60 -18.13
CA ALA A 85 -16.46 10.04 -17.86
C ALA A 85 -15.01 10.50 -17.89
N LYS A 86 -14.14 9.76 -17.22
CA LYS A 86 -12.74 10.10 -17.18
C LYS A 86 -12.06 9.89 -18.53
N ARG A 87 -12.34 8.76 -19.17
CA ARG A 87 -11.60 8.35 -20.38
C ARG A 87 -12.20 8.80 -21.70
N GLY A 88 -13.37 9.41 -21.69
CA GLY A 88 -13.93 10.00 -22.89
C GLY A 88 -14.81 9.11 -23.74
N HIS A 89 -15.61 8.24 -23.11
CA HIS A 89 -16.52 7.35 -23.81
C HIS A 89 -17.96 7.73 -23.43
N ARG A 90 -18.81 7.82 -24.44
CA ARG A 90 -20.25 7.96 -24.18
C ARG A 90 -20.73 6.67 -23.53
N VAL A 91 -21.54 6.78 -22.48
CA VAL A 91 -22.06 5.59 -21.78
C VAL A 91 -23.58 5.65 -21.69
N ILE A 92 -24.22 4.58 -22.18
CA ILE A 92 -25.66 4.34 -22.04
C ILE A 92 -25.86 3.07 -21.25
N LEU A 93 -26.75 3.12 -20.26
CA LEU A 93 -27.05 1.97 -19.45
C LEU A 93 -28.52 1.63 -19.49
N THR A 94 -28.80 0.34 -19.42
CA THR A 94 -30.16 -0.14 -19.16
C THR A 94 -30.16 -0.80 -17.78
N MET A 95 -31.23 -0.58 -17.02
CA MET A 95 -31.31 -1.07 -15.66
C MET A 95 -32.76 -1.22 -15.27
N PRO A 96 -33.13 -2.31 -14.62
CA PRO A 96 -34.54 -2.45 -14.20
C PRO A 96 -34.95 -1.34 -13.22
N GLU A 97 -36.20 -0.92 -13.34
CA GLU A 97 -36.75 0.12 -12.48
C GLU A 97 -36.76 -0.23 -10.97
N THR A 98 -36.53 -1.50 -10.64
CA THR A 98 -36.61 -1.99 -9.26
C THR A 98 -35.32 -1.77 -8.46
N MET A 99 -34.25 -1.41 -9.15
CA MET A 99 -32.96 -1.18 -8.50
C MET A 99 -32.99 0.16 -7.74
N SER A 100 -32.19 0.31 -6.69
CA SER A 100 -32.30 1.47 -5.81
C SER A 100 -32.16 2.79 -6.56
N VAL A 101 -32.99 3.77 -6.22
CA VAL A 101 -32.93 5.08 -6.88
C VAL A 101 -31.59 5.81 -6.76
N GLU A 102 -30.83 5.50 -5.71
CA GLU A 102 -29.48 6.03 -5.57
C GLU A 102 -28.65 5.76 -6.83
N ARG A 103 -28.80 4.57 -7.41
CA ARG A 103 -28.07 4.23 -8.63
C ARG A 103 -28.38 5.20 -9.75
N ARG A 104 -29.65 5.57 -9.89
CA ARG A 104 -30.07 6.47 -10.97
C ARG A 104 -29.38 7.84 -10.83
N LYS A 105 -29.35 8.33 -9.59
CA LYS A 105 -28.80 9.65 -9.33
C LYS A 105 -27.29 9.69 -9.53
N VAL A 106 -26.62 8.62 -9.12
CA VAL A 106 -25.17 8.50 -9.36
C VAL A 106 -24.85 8.48 -10.85
N LEU A 107 -25.63 7.71 -11.62
CA LEU A 107 -25.42 7.63 -13.06
C LEU A 107 -25.58 9.00 -13.70
N LYS A 108 -26.56 9.77 -13.25
CA LYS A 108 -26.76 11.12 -13.74
C LYS A 108 -25.57 12.01 -13.40
N MET A 109 -25.11 11.96 -12.16
CA MET A 109 -23.95 12.72 -11.73
C MET A 109 -22.71 12.43 -12.61
N LEU A 110 -22.57 11.19 -13.05
CA LEU A 110 -21.42 10.78 -13.88
C LEU A 110 -21.63 11.06 -15.36
N GLY A 111 -22.80 11.60 -15.70
CA GLY A 111 -23.11 12.01 -17.07
C GLY A 111 -23.41 10.87 -18.02
N ALA A 112 -23.85 9.74 -17.47
CA ALA A 112 -24.30 8.62 -18.30
C ALA A 112 -25.77 8.80 -18.67
N GLU A 113 -26.19 8.10 -19.70
CA GLU A 113 -27.57 8.11 -20.11
C GLU A 113 -28.16 6.81 -19.60
N LEU A 114 -29.29 6.91 -18.88
CA LEU A 114 -29.93 5.75 -18.24
C LEU A 114 -31.30 5.48 -18.84
N VAL A 115 -31.51 4.23 -19.25
CA VAL A 115 -32.77 3.76 -19.75
C VAL A 115 -33.28 2.69 -18.76
N LEU A 116 -34.34 3.01 -18.03
CA LEU A 116 -35.01 2.07 -17.11
C LEU A 116 -35.89 1.08 -17.87
N THR A 117 -35.82 -0.20 -17.45
CA THR A 117 -36.55 -1.29 -18.07
C THR A 117 -37.53 -1.89 -17.06
N PRO A 118 -38.55 -2.59 -17.55
CA PRO A 118 -39.61 -3.12 -16.68
C PRO A 118 -39.08 -4.05 -15.58
N GLY A 119 -39.48 -3.77 -14.35
CA GLY A 119 -39.10 -4.57 -13.21
C GLY A 119 -39.34 -6.06 -13.41
N GLU A 120 -40.47 -6.40 -14.00
CA GLU A 120 -40.87 -7.82 -14.13
C GLU A 120 -40.00 -8.61 -15.10
N LEU A 121 -39.25 -7.92 -15.95
CA LEU A 121 -38.39 -8.59 -16.92
C LEU A 121 -36.99 -8.76 -16.39
N GLY A 122 -36.69 -8.19 -15.22
CA GLY A 122 -35.38 -8.33 -14.58
C GLY A 122 -34.20 -8.03 -15.49
N MET A 123 -33.09 -8.76 -15.30
CA MET A 123 -31.89 -8.47 -16.07
C MET A 123 -32.06 -8.87 -17.53
N LYS A 124 -32.85 -9.90 -17.79
CA LYS A 124 -33.11 -10.29 -19.17
C LYS A 124 -33.68 -9.10 -19.96
N GLY A 125 -34.65 -8.41 -19.36
CA GLY A 125 -35.21 -7.20 -19.97
C GLY A 125 -34.17 -6.12 -20.22
N ALA A 126 -33.26 -5.93 -19.27
CA ALA A 126 -32.19 -4.94 -19.42
C ALA A 126 -31.26 -5.30 -20.57
N VAL A 127 -30.94 -6.60 -20.69
CA VAL A 127 -30.06 -7.07 -21.76
C VAL A 127 -30.72 -6.82 -23.11
N GLU A 128 -31.98 -7.16 -23.23
CA GLU A 128 -32.69 -7.01 -24.51
C GLU A 128 -32.74 -5.56 -24.96
N LYS A 129 -32.97 -4.65 -24.02
CA LYS A 129 -33.04 -3.22 -24.34
C LYS A 129 -31.63 -2.72 -24.73
N ALA A 130 -30.59 -3.18 -24.03
CA ALA A 130 -29.22 -2.81 -24.41
C ALA A 130 -28.90 -3.24 -25.85
N LEU A 131 -29.26 -4.47 -26.21
CA LEU A 131 -29.05 -4.97 -27.58
C LEU A 131 -29.76 -4.10 -28.62
N GLU A 132 -31.00 -3.69 -28.33
CA GLU A 132 -31.73 -2.78 -29.19
C GLU A 132 -31.02 -1.42 -29.32
N ILE A 133 -30.59 -0.85 -28.20
CA ILE A 133 -29.90 0.44 -28.25
C ILE A 133 -28.57 0.31 -29.02
N SER A 134 -27.89 -0.81 -28.85
CA SER A 134 -26.64 -1.07 -29.60
C SER A 134 -26.88 -1.00 -31.12
N ARG A 135 -27.98 -1.61 -31.55
CA ARG A 135 -28.35 -1.61 -32.97
C ARG A 135 -28.72 -0.24 -33.51
N GLU A 136 -29.39 0.56 -32.69
CA GLU A 136 -29.82 1.88 -33.10
C GLU A 136 -28.69 2.87 -33.15
N THR A 137 -27.77 2.77 -32.18
CA THR A 137 -26.72 3.78 -31.98
C THR A 137 -25.32 3.36 -32.42
N GLY A 138 -25.11 2.07 -32.59
CA GLY A 138 -23.75 1.54 -32.83
C GLY A 138 -22.92 1.41 -31.56
N ALA A 139 -23.50 1.79 -30.42
CA ALA A 139 -22.76 1.70 -29.19
C ALA A 139 -22.41 0.24 -28.93
N HIS A 140 -21.27 0.01 -28.28
CA HIS A 140 -20.76 -1.34 -28.05
C HIS A 140 -21.11 -1.89 -26.66
N MET A 141 -21.72 -3.08 -26.67
CA MET A 141 -22.06 -3.78 -25.44
C MET A 141 -20.83 -4.59 -25.04
N LEU A 142 -20.31 -4.33 -23.85
CA LEU A 142 -19.18 -5.08 -23.30
C LEU A 142 -19.59 -6.50 -22.96
N ASN A 143 -20.83 -6.62 -22.50
CA ASN A 143 -21.48 -7.89 -22.13
C ASN A 143 -20.85 -8.59 -20.92
N GLN A 144 -21.22 -8.05 -19.77
CA GLN A 144 -20.69 -8.52 -18.52
C GLN A 144 -21.00 -9.99 -18.23
N PHE A 145 -22.04 -10.56 -18.84
CA PHE A 145 -22.36 -11.97 -18.59
C PHE A 145 -21.59 -12.95 -19.47
N GLU A 146 -20.91 -12.44 -20.50
CA GLU A 146 -20.19 -13.31 -21.42
C GLU A 146 -18.72 -12.96 -21.61
N ASN A 147 -18.29 -11.79 -21.14
CA ASN A 147 -16.97 -11.26 -21.46
C ASN A 147 -15.89 -11.90 -20.56
N PRO A 148 -14.91 -12.59 -21.14
CA PRO A 148 -13.84 -13.20 -20.36
C PRO A 148 -13.07 -12.23 -19.47
N TYR A 149 -12.97 -10.98 -19.89
CA TYR A 149 -12.26 -9.95 -19.07
C TYR A 149 -12.89 -9.64 -17.71
N ASN A 150 -14.18 -9.97 -17.55
CA ASN A 150 -14.82 -9.95 -16.25
C ASN A 150 -14.12 -10.95 -15.27
N VAL A 151 -14.07 -12.21 -15.67
CA VAL A 151 -13.34 -13.22 -14.90
C VAL A 151 -11.86 -12.83 -14.75
N TYR A 152 -11.23 -12.32 -15.81
CA TYR A 152 -9.80 -11.98 -15.70
C TYR A 152 -9.52 -10.92 -14.67
N SER A 153 -10.44 -9.97 -14.50
CA SER A 153 -10.20 -8.91 -13.53
C SER A 153 -9.99 -9.51 -12.13
N HIS A 154 -10.78 -10.54 -11.83
CA HIS A 154 -10.73 -11.18 -10.53
C HIS A 154 -9.61 -12.23 -10.45
N GLN A 155 -9.27 -12.83 -11.58
CA GLN A 155 -8.18 -13.79 -11.65
C GLN A 155 -6.84 -13.10 -11.44
N PHE A 156 -6.74 -11.85 -11.91
CA PHE A 156 -5.47 -11.13 -11.91
C PHE A 156 -5.36 -10.02 -10.85
N THR A 157 -6.46 -9.64 -10.20
CA THR A 157 -6.42 -8.65 -9.14
C THR A 157 -7.00 -9.19 -7.83
N THR A 158 -8.31 -9.43 -7.79
CA THR A 158 -8.99 -9.79 -6.57
C THR A 158 -8.47 -11.06 -5.92
N GLY A 159 -8.32 -12.11 -6.71
CA GLY A 159 -7.84 -13.39 -6.18
C GLY A 159 -6.41 -13.31 -5.66
N PRO A 160 -5.48 -12.80 -6.46
CA PRO A 160 -4.14 -12.58 -5.98
C PRO A 160 -4.10 -11.77 -4.67
N GLU A 161 -4.90 -10.72 -4.56
CA GLU A 161 -5.00 -9.94 -3.34
C GLU A 161 -5.40 -10.80 -2.17
N ILE A 162 -6.51 -11.50 -2.34
CA ILE A 162 -7.05 -12.34 -1.27
C ILE A 162 -6.01 -13.37 -0.78
N LEU A 163 -5.38 -14.09 -1.72
CA LEU A 163 -4.41 -15.10 -1.37
C LEU A 163 -3.32 -14.57 -0.46
N LYS A 164 -2.74 -13.44 -0.84
CA LYS A 164 -1.68 -12.86 -0.02
C LYS A 164 -2.18 -12.21 1.27
N GLN A 165 -3.31 -11.49 1.19
CA GLN A 165 -3.85 -10.79 2.36
C GLN A 165 -4.20 -11.78 3.44
N MET A 166 -4.53 -13.00 3.04
CA MET A 166 -4.92 -14.03 3.99
C MET A 166 -3.73 -14.91 4.38
N ASP A 167 -2.52 -14.48 4.05
CA ASP A 167 -1.28 -15.19 4.48
C ASP A 167 -1.29 -16.65 3.97
N TYR A 168 -1.91 -16.84 2.80
CA TYR A 168 -2.00 -18.12 2.11
C TYR A 168 -2.67 -19.19 2.94
N GLN A 169 -3.57 -18.79 3.83
CA GLN A 169 -4.30 -19.67 4.71
C GLN A 169 -5.80 -19.34 4.62
N ILE A 170 -6.54 -20.16 3.89
CA ILE A 170 -7.96 -19.98 3.67
C ILE A 170 -8.62 -21.34 3.65
N ASP A 171 -9.73 -21.46 4.38
CA ASP A 171 -10.50 -22.70 4.36
C ASP A 171 -11.68 -22.66 3.42
N ALA A 172 -12.28 -21.48 3.29
CA ALA A 172 -13.39 -21.29 2.39
C ALA A 172 -13.40 -19.89 1.84
N PHE A 173 -13.89 -19.78 0.60
CA PHE A 173 -14.25 -18.49 -0.01
C PHE A 173 -15.72 -18.54 -0.42
N VAL A 174 -16.46 -17.50 -0.03
CA VAL A 174 -17.91 -17.43 -0.18
C VAL A 174 -18.25 -16.18 -0.96
N ALA A 175 -19.08 -16.30 -1.97
CA ALA A 175 -19.45 -15.13 -2.76
C ALA A 175 -20.75 -15.30 -3.53
N GLY A 176 -21.62 -14.29 -3.40
CA GLY A 176 -22.78 -14.15 -4.25
C GLY A 176 -22.39 -14.11 -5.71
N VAL A 177 -23.26 -14.68 -6.54
CA VAL A 177 -23.11 -14.69 -8.00
C VAL A 177 -24.11 -13.71 -8.61
N GLY A 178 -23.58 -12.67 -9.27
CA GLY A 178 -24.33 -11.78 -10.15
C GLY A 178 -23.97 -12.20 -11.56
N THR A 179 -22.80 -11.76 -12.06
CA THR A 179 -22.25 -12.28 -13.29
C THR A 179 -21.45 -13.58 -13.08
N GLY A 180 -21.02 -13.85 -11.85
CA GLY A 180 -20.14 -15.00 -11.58
C GLY A 180 -18.65 -14.70 -11.81
N GLY A 181 -18.32 -13.45 -12.16
CA GLY A 181 -16.93 -13.09 -12.38
C GLY A 181 -16.07 -13.22 -11.13
N THR A 182 -16.60 -12.75 -10.01
CA THR A 182 -15.86 -12.73 -8.74
C THR A 182 -15.54 -14.15 -8.34
N ILE A 183 -16.57 -14.99 -8.24
CA ILE A 183 -16.33 -16.34 -7.73
C ILE A 183 -15.46 -17.15 -8.71
N SER A 184 -15.62 -16.91 -10.01
CA SER A 184 -14.84 -17.65 -11.02
C SER A 184 -13.35 -17.28 -10.99
N GLY A 185 -13.04 -16.00 -11.01
CA GLY A 185 -11.66 -15.54 -11.01
C GLY A 185 -10.96 -15.84 -9.70
N VAL A 186 -11.62 -15.52 -8.58
CA VAL A 186 -11.05 -15.81 -7.27
C VAL A 186 -10.92 -17.31 -7.10
N GLY A 187 -11.98 -18.04 -7.47
CA GLY A 187 -11.98 -19.51 -7.34
C GLY A 187 -10.83 -20.19 -8.08
N ARG A 188 -10.57 -19.73 -9.29
CA ARG A 188 -9.48 -20.25 -10.09
C ARG A 188 -8.14 -20.12 -9.41
N VAL A 189 -7.90 -18.98 -8.79
CA VAL A 189 -6.63 -18.73 -8.09
C VAL A 189 -6.52 -19.59 -6.84
N LEU A 190 -7.57 -19.57 -6.05
CA LEU A 190 -7.58 -20.27 -4.80
C LEU A 190 -7.56 -21.80 -4.96
N LYS A 191 -8.30 -22.32 -5.94
CA LYS A 191 -8.21 -23.75 -6.24
C LYS A 191 -6.84 -24.08 -6.82
N GLY A 192 -6.25 -23.16 -7.60
CA GLY A 192 -4.91 -23.33 -8.12
C GLY A 192 -3.91 -23.51 -7.00
N PHE A 193 -4.03 -22.71 -5.94
CA PHE A 193 -3.10 -22.78 -4.82
C PHE A 193 -3.40 -23.91 -3.84
N PHE A 194 -4.66 -24.04 -3.42
CA PHE A 194 -5.03 -24.97 -2.34
C PHE A 194 -5.56 -26.31 -2.81
N GLY A 195 -6.06 -26.39 -4.04
CA GLY A 195 -6.76 -27.58 -4.50
C GLY A 195 -8.00 -27.80 -3.67
N ASN A 196 -8.22 -29.04 -3.23
CA ASN A 196 -9.40 -29.32 -2.42
C ASN A 196 -9.25 -28.96 -0.93
N GLY A 197 -8.11 -28.40 -0.56
CA GLY A 197 -7.91 -27.74 0.73
C GLY A 197 -8.74 -26.48 0.94
N VAL A 198 -9.36 -25.96 -0.12
CA VAL A 198 -10.26 -24.80 0.02
C VAL A 198 -11.65 -25.11 -0.56
N LYS A 199 -12.68 -24.62 0.13
CA LYS A 199 -14.05 -24.75 -0.33
C LYS A 199 -14.55 -23.42 -0.92
N ILE A 200 -15.06 -23.49 -2.15
CA ILE A 200 -15.62 -22.32 -2.84
C ILE A 200 -17.14 -22.42 -2.87
N VAL A 201 -17.78 -21.43 -2.26
CA VAL A 201 -19.21 -21.49 -2.03
C VAL A 201 -19.90 -20.31 -2.72
N ALA A 202 -20.82 -20.63 -3.62
CA ALA A 202 -21.60 -19.65 -4.32
C ALA A 202 -22.86 -19.35 -3.50
N VAL A 203 -23.28 -18.09 -3.54
CA VAL A 203 -24.47 -17.66 -2.84
C VAL A 203 -25.50 -17.10 -3.85
N GLU A 204 -26.76 -17.46 -3.66
CA GLU A 204 -27.86 -16.93 -4.49
C GLU A 204 -29.12 -16.74 -3.63
N PRO A 205 -30.11 -16.01 -4.11
CA PRO A 205 -31.32 -15.83 -3.31
C PRO A 205 -32.18 -17.07 -3.22
N ALA A 206 -32.71 -17.33 -2.01
CA ALA A 206 -33.68 -18.39 -1.79
C ALA A 206 -34.85 -18.26 -2.76
N LYS A 207 -35.27 -17.03 -3.04
CA LYS A 207 -36.34 -16.76 -4.01
C LYS A 207 -35.98 -16.89 -5.49
N SER A 208 -34.70 -17.01 -5.83
CA SER A 208 -34.32 -17.22 -7.23
C SER A 208 -33.13 -18.20 -7.29
N PRO A 209 -33.36 -19.45 -6.87
CA PRO A 209 -32.27 -20.43 -6.73
C PRO A 209 -31.90 -21.18 -8.03
N VAL A 210 -31.59 -20.44 -9.09
CA VAL A 210 -31.36 -21.05 -10.40
C VAL A 210 -30.08 -21.88 -10.42
N LEU A 211 -29.05 -21.42 -9.70
CA LEU A 211 -27.79 -22.20 -9.66
C LEU A 211 -28.01 -23.56 -8.99
N SER A 212 -28.90 -23.59 -8.00
CA SER A 212 -29.29 -24.82 -7.30
C SER A 212 -30.24 -25.70 -8.11
N GLY A 213 -30.58 -25.26 -9.33
CA GLY A 213 -31.46 -26.01 -10.23
C GLY A 213 -32.92 -25.61 -10.17
N GLY A 214 -33.21 -24.49 -9.51
CA GLY A 214 -34.59 -23.99 -9.35
C GLY A 214 -35.03 -22.94 -10.34
N GLN A 215 -36.22 -22.39 -10.11
CA GLN A 215 -36.81 -21.40 -11.01
C GLN A 215 -36.45 -19.98 -10.57
N PRO A 216 -36.31 -19.07 -11.53
CA PRO A 216 -36.09 -17.68 -11.20
C PRO A 216 -37.31 -17.08 -10.52
N GLY A 217 -37.09 -16.06 -9.72
CA GLY A 217 -38.18 -15.40 -9.02
C GLY A 217 -37.76 -14.02 -8.60
N LYS A 218 -38.76 -13.20 -8.23
CA LYS A 218 -38.49 -11.87 -7.70
C LYS A 218 -37.84 -11.96 -6.31
N HIS A 219 -36.81 -11.15 -6.09
CA HIS A 219 -36.09 -11.10 -4.82
C HIS A 219 -35.51 -9.70 -4.61
N ALA A 220 -35.02 -9.43 -3.40
CA ALA A 220 -34.63 -8.08 -2.99
C ALA A 220 -33.12 -7.90 -2.77
N ILE A 221 -32.34 -8.93 -3.08
CA ILE A 221 -30.92 -8.88 -2.84
C ILE A 221 -30.24 -8.30 -4.07
N GLN A 222 -30.26 -6.97 -4.16
CA GLN A 222 -29.83 -6.27 -5.38
C GLN A 222 -28.38 -6.57 -5.68
N GLY A 223 -28.12 -7.03 -6.90
CA GLY A 223 -26.78 -7.28 -7.38
C GLY A 223 -26.46 -8.75 -7.51
N ILE A 224 -27.31 -9.62 -6.98
CA ILE A 224 -27.15 -11.07 -7.22
C ILE A 224 -28.43 -11.63 -7.80
N GLY A 225 -28.40 -12.91 -8.17
CA GLY A 225 -29.60 -13.57 -8.65
C GLY A 225 -30.17 -12.94 -9.91
N ALA A 226 -29.40 -13.03 -10.99
CA ALA A 226 -29.75 -12.46 -12.30
C ALA A 226 -30.95 -13.12 -12.96
N GLY A 227 -31.25 -14.35 -12.55
CA GLY A 227 -32.41 -15.08 -13.06
C GLY A 227 -32.06 -16.09 -14.13
N PHE A 228 -30.76 -16.24 -14.40
CA PHE A 228 -30.26 -17.18 -15.37
C PHE A 228 -28.82 -17.49 -14.96
N VAL A 229 -28.22 -18.50 -15.58
CA VAL A 229 -26.82 -18.86 -15.33
C VAL A 229 -25.88 -18.14 -16.31
N PRO A 230 -25.04 -17.22 -15.82
CA PRO A 230 -24.16 -16.48 -16.73
C PRO A 230 -23.20 -17.43 -17.46
N LYS A 231 -22.96 -17.15 -18.74
CA LYS A 231 -22.02 -17.91 -19.54
C LYS A 231 -20.61 -17.91 -18.96
N ILE A 232 -20.19 -16.83 -18.30
CA ILE A 232 -18.86 -16.80 -17.68
C ILE A 232 -18.69 -17.58 -16.39
N LEU A 233 -19.78 -17.96 -15.73
CA LEU A 233 -19.67 -18.67 -14.45
C LEU A 233 -18.90 -20.00 -14.59
N ASP A 234 -17.79 -20.12 -13.88
CA ASP A 234 -16.96 -21.33 -13.93
C ASP A 234 -17.34 -22.26 -12.84
N ARG A 235 -18.19 -23.22 -13.17
CA ARG A 235 -18.76 -24.09 -12.15
C ARG A 235 -17.74 -25.11 -11.65
N SER A 236 -16.70 -25.37 -12.44
CA SER A 236 -15.64 -26.30 -12.04
C SER A 236 -14.90 -25.89 -10.76
N VAL A 237 -14.91 -24.60 -10.44
CA VAL A 237 -14.27 -24.12 -9.21
C VAL A 237 -15.23 -24.02 -8.01
N ILE A 238 -16.51 -24.31 -8.21
CA ILE A 238 -17.48 -24.15 -7.12
C ILE A 238 -17.76 -25.51 -6.47
N ASP A 239 -17.68 -25.55 -5.14
CA ASP A 239 -17.95 -26.76 -4.36
C ASP A 239 -19.42 -26.90 -3.96
N GLU A 240 -20.06 -25.79 -3.58
CA GLU A 240 -21.49 -25.81 -3.37
C GLU A 240 -22.19 -24.46 -3.52
N VAL A 241 -23.51 -24.52 -3.46
CA VAL A 241 -24.36 -23.34 -3.59
C VAL A 241 -25.20 -23.26 -2.34
N ILE A 242 -25.23 -22.07 -1.74
CA ILE A 242 -26.03 -21.78 -0.57
C ILE A 242 -27.02 -20.66 -0.89
N THR A 243 -28.27 -20.83 -0.43
CA THR A 243 -29.28 -19.78 -0.58
C THR A 243 -29.38 -18.92 0.68
N VAL A 244 -29.83 -17.68 0.46
CA VAL A 244 -30.03 -16.71 1.53
C VAL A 244 -31.40 -16.06 1.30
N GLU A 245 -32.20 -15.93 2.36
CA GLU A 245 -33.48 -15.25 2.28
C GLU A 245 -33.27 -13.73 2.24
N ASP A 246 -34.21 -13.02 1.62
CA ASP A 246 -34.15 -11.55 1.55
C ASP A 246 -33.94 -10.92 2.93
N GLU A 247 -34.75 -11.34 3.90
CA GLU A 247 -34.69 -10.74 5.24
C GLU A 247 -33.38 -11.05 5.99
N GLU A 248 -32.80 -12.23 5.73
CA GLU A 248 -31.50 -12.56 6.31
C GLU A 248 -30.42 -11.63 5.78
N ALA A 249 -30.44 -11.30 4.49
CA ALA A 249 -29.45 -10.37 3.91
C ALA A 249 -29.58 -8.95 4.47
N TYR A 250 -30.81 -8.44 4.52
CA TYR A 250 -31.09 -7.13 5.09
C TYR A 250 -30.68 -7.05 6.56
N GLU A 251 -31.10 -8.01 7.35
CA GLU A 251 -30.72 -8.10 8.76
C GLU A 251 -29.21 -8.06 8.97
N MET A 252 -28.46 -8.83 8.16
CA MET A 252 -27.01 -8.90 8.36
C MET A 252 -26.30 -7.60 7.95
N ALA A 253 -26.77 -6.98 6.87
CA ALA A 253 -26.29 -5.66 6.48
C ALA A 253 -26.53 -4.65 7.60
N ARG A 254 -27.70 -4.66 8.24
CA ARG A 254 -27.95 -3.78 9.37
C ARG A 254 -27.03 -4.13 10.54
N TYR A 255 -26.79 -5.42 10.73
CA TYR A 255 -25.96 -5.87 11.82
C TYR A 255 -24.51 -5.45 11.65
N LEU A 256 -24.02 -5.52 10.41
CA LEU A 256 -22.65 -5.13 10.13
C LEU A 256 -22.43 -3.65 10.48
N ALA A 257 -23.40 -2.80 10.15
CA ALA A 257 -23.28 -1.37 10.48
C ALA A 257 -23.31 -1.15 12.00
N LYS A 258 -24.23 -1.84 12.67
CA LYS A 258 -24.43 -1.66 14.11
C LYS A 258 -23.31 -2.25 14.96
N LYS A 259 -22.81 -3.42 14.58
CA LYS A 259 -21.84 -4.14 15.44
C LYS A 259 -20.40 -3.94 15.07
N GLU A 260 -20.15 -3.84 13.77
CA GLU A 260 -18.79 -3.67 13.23
C GLU A 260 -18.50 -2.25 12.73
N GLY A 261 -19.54 -1.42 12.64
CA GLY A 261 -19.42 -0.06 12.09
C GLY A 261 -19.10 -0.05 10.61
N LEU A 262 -19.48 -1.13 9.90
CA LEU A 262 -19.16 -1.26 8.49
C LEU A 262 -20.38 -0.96 7.62
N LEU A 263 -20.27 0.09 6.83
CA LEU A 263 -21.38 0.59 6.05
C LEU A 263 -21.40 -0.10 4.69
N VAL A 264 -22.08 -1.24 4.65
CA VAL A 264 -22.07 -2.13 3.48
C VAL A 264 -23.49 -2.30 2.95
N GLY A 265 -23.59 -2.71 1.69
CA GLY A 265 -24.90 -2.87 1.05
C GLY A 265 -25.53 -4.22 1.31
N ILE A 266 -26.65 -4.46 0.64
CA ILE A 266 -27.48 -5.65 0.91
C ILE A 266 -26.78 -6.96 0.52
N SER A 267 -26.09 -6.96 -0.62
CA SER A 267 -25.37 -8.17 -1.05
C SER A 267 -24.21 -8.54 -0.10
N SER A 268 -23.63 -7.54 0.56
CA SER A 268 -22.66 -7.76 1.61
C SER A 268 -23.30 -8.52 2.76
N GLY A 269 -24.49 -8.08 3.15
CA GLY A 269 -25.28 -8.80 4.15
C GLY A 269 -25.47 -10.26 3.78
N ALA A 270 -25.83 -10.47 2.52
CA ALA A 270 -26.07 -11.82 2.01
C ALA A 270 -24.82 -12.67 2.09
N ASN A 271 -23.72 -12.11 1.62
CA ASN A 271 -22.43 -12.82 1.70
C ASN A 271 -22.02 -13.19 3.09
N VAL A 272 -22.11 -12.24 4.02
CA VAL A 272 -21.72 -12.51 5.41
C VAL A 272 -22.65 -13.52 6.11
N ALA A 273 -23.95 -13.42 5.83
CA ALA A 273 -24.91 -14.39 6.35
C ALA A 273 -24.54 -15.80 5.87
N ALA A 274 -24.23 -15.93 4.59
CA ALA A 274 -23.78 -17.19 4.03
C ALA A 274 -22.44 -17.65 4.63
N ALA A 275 -21.48 -16.75 4.73
CA ALA A 275 -20.18 -17.06 5.33
C ALA A 275 -20.31 -17.55 6.76
N LEU A 276 -21.22 -16.95 7.53
CA LEU A 276 -21.48 -17.40 8.90
C LEU A 276 -21.95 -18.87 8.92
N LYS A 277 -22.88 -19.23 8.04
CA LYS A 277 -23.38 -20.61 7.93
C LYS A 277 -22.23 -21.55 7.58
N VAL A 278 -21.39 -21.12 6.65
CA VAL A 278 -20.22 -21.89 6.24
C VAL A 278 -19.23 -22.10 7.42
N ALA A 279 -18.89 -21.02 8.13
CA ALA A 279 -17.97 -21.07 9.28
C ALA A 279 -18.49 -21.91 10.46
N GLN A 280 -19.80 -21.87 10.69
CA GLN A 280 -20.41 -22.61 11.82
C GLN A 280 -20.37 -24.11 11.60
N LYS A 281 -20.27 -24.51 10.33
CA LYS A 281 -20.20 -25.92 9.96
C LYS A 281 -18.78 -26.45 10.16
N LEU A 282 -17.79 -25.62 10.50
CA LEU A 282 -16.46 -26.16 10.72
C LEU A 282 -15.66 -25.58 11.90
N GLY A 283 -14.35 -25.84 11.92
CA GLY A 283 -13.52 -25.63 13.12
C GLY A 283 -13.54 -24.23 13.71
N PRO A 284 -13.22 -24.15 15.00
CA PRO A 284 -13.09 -22.86 15.67
C PRO A 284 -11.95 -21.97 15.15
N ASP A 285 -10.95 -22.55 14.47
CA ASP A 285 -9.89 -21.77 13.85
C ASP A 285 -10.03 -21.70 12.32
N ALA A 286 -11.23 -21.95 11.81
CA ALA A 286 -11.48 -21.86 10.37
C ALA A 286 -11.34 -20.41 9.92
N ARG A 287 -10.89 -20.23 8.68
CA ARG A 287 -10.75 -18.91 8.07
C ARG A 287 -11.57 -18.85 6.80
N VAL A 288 -12.66 -18.10 6.87
CA VAL A 288 -13.64 -18.03 5.79
C VAL A 288 -13.63 -16.60 5.26
N VAL A 289 -13.36 -16.46 3.96
CA VAL A 289 -13.25 -15.15 3.35
C VAL A 289 -14.51 -14.87 2.52
N THR A 290 -15.04 -13.66 2.65
CA THR A 290 -16.04 -13.19 1.72
C THR A 290 -15.80 -11.71 1.31
N VAL A 291 -16.71 -11.21 0.48
CA VAL A 291 -16.62 -9.91 -0.15
C VAL A 291 -17.85 -9.04 0.28
N ALA A 292 -17.59 -7.76 0.53
CA ALA A 292 -18.66 -6.75 0.64
C ALA A 292 -18.65 -5.93 -0.64
N PRO A 293 -19.52 -6.25 -1.60
CA PRO A 293 -19.45 -5.61 -2.90
C PRO A 293 -19.56 -4.09 -2.97
N ASP A 294 -20.29 -3.45 -2.05
CA ASP A 294 -20.49 -2.00 -2.14
C ASP A 294 -20.93 -1.43 -0.81
N HIS A 295 -21.39 -0.19 -0.79
CA HIS A 295 -21.62 0.53 0.47
C HIS A 295 -23.07 0.85 0.77
N ALA A 296 -23.35 1.09 2.04
CA ALA A 296 -24.74 1.22 2.54
C ALA A 296 -25.45 2.48 2.02
N GLU A 297 -24.69 3.52 1.73
CA GLU A 297 -25.32 4.78 1.32
C GLU A 297 -25.88 4.74 -0.11
N ARG A 298 -25.57 3.68 -0.85
CA ARG A 298 -26.22 3.40 -2.13
C ARG A 298 -27.62 2.76 -1.96
N TYR A 299 -28.10 2.64 -0.72
CA TYR A 299 -29.35 1.92 -0.40
C TYR A 299 -30.19 2.61 0.67
N LEU A 300 -29.89 3.86 0.99
CA LEU A 300 -30.60 4.51 2.11
C LEU A 300 -32.08 4.54 1.88
N SER A 301 -32.48 4.56 0.61
CA SER A 301 -33.88 4.57 0.22
C SER A 301 -34.65 3.33 0.66
N ILE A 302 -33.96 2.20 0.84
CA ILE A 302 -34.63 0.95 1.17
C ILE A 302 -34.12 0.20 2.40
N LEU A 303 -32.88 0.45 2.81
CA LEU A 303 -32.25 -0.34 3.89
C LEU A 303 -32.56 0.29 5.25
N HIS B 12 -7.66 -4.78 15.74
CA HIS B 12 -7.41 -3.34 15.37
C HIS B 12 -8.02 -2.92 14.03
N MET B 13 -9.31 -3.17 13.86
CA MET B 13 -9.99 -2.90 12.59
C MET B 13 -9.90 -1.45 12.18
N MET B 14 -10.38 -0.54 13.03
CA MET B 14 -10.44 0.86 12.59
C MET B 14 -9.04 1.47 12.46
N GLU B 15 -8.14 1.07 13.35
CA GLU B 15 -6.73 1.47 13.22
C GLU B 15 -6.20 1.15 11.81
N ARG B 16 -6.47 -0.05 11.30
CA ARG B 16 -5.88 -0.49 10.04
C ARG B 16 -6.58 0.14 8.83
N LEU B 17 -7.87 0.34 8.94
CA LEU B 17 -8.66 0.86 7.82
C LEU B 17 -8.47 2.36 7.58
N ILE B 18 -8.24 3.13 8.64
CA ILE B 18 -8.29 4.58 8.52
C ILE B 18 -6.97 5.13 8.01
N GLY B 19 -7.04 6.02 7.01
CA GLY B 19 -5.87 6.63 6.41
C GLY B 19 -5.32 5.88 5.21
N SER B 20 -4.12 6.27 4.79
CA SER B 20 -3.44 5.74 3.60
C SER B 20 -4.33 5.83 2.36
N THR B 21 -4.87 7.03 2.16
CA THR B 21 -5.76 7.33 1.04
C THR B 21 -4.96 7.78 -0.15
N PRO B 22 -5.50 7.54 -1.35
CA PRO B 22 -4.80 7.91 -2.56
C PRO B 22 -4.89 9.38 -2.95
N ILE B 23 -3.93 9.81 -3.77
CA ILE B 23 -3.96 11.12 -4.38
C ILE B 23 -4.04 10.92 -5.90
N VAL B 24 -4.89 11.70 -6.54
CA VAL B 24 -5.07 11.69 -7.99
C VAL B 24 -4.81 13.06 -8.55
N ARG B 25 -4.21 13.12 -9.74
CA ARG B 25 -3.96 14.38 -10.44
C ARG B 25 -5.15 14.70 -11.33
N LEU B 26 -5.62 15.94 -11.29
CA LEU B 26 -6.88 16.28 -11.97
C LEU B 26 -6.63 16.72 -13.44
N ASP B 27 -6.16 15.77 -14.24
CA ASP B 27 -5.72 16.05 -15.62
C ASP B 27 -6.81 16.54 -16.54
N SER B 28 -8.07 16.24 -16.21
CA SER B 28 -9.16 16.73 -17.04
C SER B 28 -9.65 18.11 -16.61
N ILE B 29 -9.17 18.62 -15.48
CA ILE B 29 -9.56 19.94 -15.00
C ILE B 29 -8.35 20.88 -15.05
N ASP B 30 -7.28 20.49 -14.36
CA ASP B 30 -6.04 21.24 -14.40
C ASP B 30 -4.98 20.33 -13.82
N SER B 31 -4.00 19.90 -14.63
CA SER B 31 -3.01 18.92 -14.20
C SER B 31 -2.05 19.39 -13.05
N ARG B 32 -2.17 20.65 -12.65
CA ARG B 32 -1.40 21.15 -11.50
C ARG B 32 -2.05 20.80 -10.16
N ILE B 33 -3.31 20.34 -10.20
CA ILE B 33 -4.03 20.05 -8.95
C ILE B 33 -4.03 18.56 -8.63
N PHE B 34 -3.68 18.22 -7.39
CA PHE B 34 -3.61 16.86 -6.91
C PHE B 34 -4.59 16.77 -5.76
N LEU B 35 -5.45 15.76 -5.80
CA LEU B 35 -6.57 15.66 -4.87
C LEU B 35 -6.50 14.39 -4.05
N LYS B 36 -6.47 14.52 -2.72
CA LYS B 36 -6.39 13.38 -1.82
C LYS B 36 -7.79 12.89 -1.45
N LEU B 37 -8.08 11.62 -1.77
CA LEU B 37 -9.46 11.09 -1.75
C LEU B 37 -9.77 10.48 -0.39
N GLU B 38 -10.27 11.32 0.50
CA GLU B 38 -10.55 10.87 1.87
C GLU B 38 -11.83 10.04 2.01
N LYS B 39 -12.63 9.92 0.94
CA LYS B 39 -13.82 9.00 0.95
C LYS B 39 -13.45 7.54 1.07
N ASN B 40 -12.19 7.20 0.76
CA ASN B 40 -11.72 5.83 0.89
C ASN B 40 -11.68 5.35 2.34
N ASN B 41 -11.66 6.28 3.27
CA ASN B 41 -11.74 5.94 4.69
C ASN B 41 -13.03 5.14 4.97
N PRO B 42 -13.05 4.28 5.98
CA PRO B 42 -14.24 3.43 6.21
C PRO B 42 -15.53 4.19 6.52
N GLY B 43 -15.42 5.35 7.15
CA GLY B 43 -16.58 6.18 7.43
C GLY B 43 -16.91 7.14 6.32
N GLY B 44 -16.18 7.07 5.21
CA GLY B 44 -16.48 7.85 4.03
C GLY B 44 -16.04 9.29 4.09
N SER B 45 -15.21 9.64 5.07
CA SER B 45 -14.68 10.98 5.11
C SER B 45 -13.36 11.09 5.83
N VAL B 46 -12.80 12.29 5.70
CA VAL B 46 -11.57 12.65 6.37
C VAL B 46 -11.62 12.60 7.91
N LYS B 47 -12.82 12.76 8.47
CA LYS B 47 -13.01 12.91 9.92
C LYS B 47 -12.75 11.60 10.66
N ASP B 48 -12.63 10.49 9.92
CA ASP B 48 -12.24 9.24 10.54
C ASP B 48 -10.90 9.37 11.27
N ARG B 49 -9.99 10.17 10.74
CA ARG B 49 -8.65 10.31 11.33
C ARG B 49 -8.69 11.00 12.70
N PRO B 50 -9.22 12.22 12.80
CA PRO B 50 -9.30 12.85 14.12
C PRO B 50 -10.21 12.11 15.09
N ALA B 51 -11.32 11.55 14.60
CA ALA B 51 -12.23 10.78 15.46
C ALA B 51 -11.44 9.64 16.11
N LEU B 52 -10.63 8.92 15.32
CA LEU B 52 -9.83 7.82 15.86
C LEU B 52 -8.84 8.28 16.93
N PHE B 53 -8.07 9.31 16.60
CA PHE B 53 -7.06 9.80 17.51
C PHE B 53 -7.68 10.30 18.83
N MET B 54 -8.75 11.06 18.70
CA MET B 54 -9.42 11.62 19.89
C MET B 54 -9.98 10.48 20.76
N ILE B 55 -10.58 9.48 20.12
CA ILE B 55 -11.12 8.34 20.88
C ILE B 55 -10.01 7.55 21.56
N LEU B 56 -8.94 7.25 20.82
CA LEU B 56 -7.82 6.51 21.39
C LEU B 56 -7.21 7.21 22.61
N ASP B 57 -7.02 8.53 22.53
CA ASP B 57 -6.57 9.33 23.69
C ASP B 57 -7.57 9.29 24.88
N ALA B 58 -8.86 9.46 24.60
CA ALA B 58 -9.88 9.43 25.65
C ALA B 58 -10.00 8.04 26.32
N GLU B 59 -9.89 6.97 25.52
CA GLU B 59 -9.80 5.60 26.08
C GLU B 59 -8.62 5.46 27.03
N LYS B 60 -7.44 5.88 26.59
CA LYS B 60 -6.20 5.76 27.37
C LYS B 60 -6.43 6.43 28.72
N ARG B 61 -7.02 7.61 28.67
CA ARG B 61 -7.23 8.43 29.87
C ARG B 61 -8.45 8.04 30.72
N GLY B 62 -9.18 7.00 30.34
CA GLY B 62 -10.35 6.50 31.10
C GLY B 62 -11.58 7.40 31.14
N LEU B 63 -11.79 8.14 30.06
CA LEU B 63 -12.83 9.15 30.00
C LEU B 63 -14.16 8.72 29.42
N LEU B 64 -14.25 7.48 28.92
CA LEU B 64 -15.37 7.09 28.02
C LEU B 64 -16.38 6.10 28.63
N LYS B 65 -16.32 5.89 29.92
CA LYS B 65 -17.16 4.85 30.53
C LYS B 65 -18.65 5.23 30.50
N ASN B 66 -18.94 6.52 30.30
CA ASN B 66 -20.32 6.97 30.10
C ASN B 66 -20.67 7.29 28.63
N GLY B 67 -19.82 6.84 27.73
CA GLY B 67 -19.95 7.11 26.32
C GLY B 67 -19.46 8.46 25.89
N ILE B 68 -19.88 8.84 24.67
CA ILE B 68 -19.40 10.05 23.97
C ILE B 68 -20.62 10.86 23.58
N VAL B 69 -20.54 12.18 23.76
CA VAL B 69 -21.52 13.10 23.21
C VAL B 69 -20.75 14.18 22.44
N GLU B 70 -21.16 14.45 21.22
CA GLU B 70 -20.49 15.50 20.41
C GLU B 70 -21.51 16.24 19.54
N PRO B 71 -21.44 17.57 19.45
CA PRO B 71 -22.28 18.32 18.50
C PRO B 71 -21.58 18.36 17.15
N THR B 72 -22.23 18.08 16.03
CA THR B 72 -21.46 17.96 14.78
C THR B 72 -22.16 18.39 13.47
N SER B 73 -21.40 18.63 12.39
CA SER B 73 -22.01 19.01 11.06
C SER B 73 -22.46 17.76 10.33
N GLY B 74 -21.70 16.71 10.52
CA GLY B 74 -22.12 15.40 10.08
C GLY B 74 -21.02 14.44 10.06
N ASN B 75 -19.93 14.79 9.37
CA ASN B 75 -18.90 13.81 9.17
C ASN B 75 -18.21 13.42 10.47
N MET B 76 -17.90 14.40 11.33
CA MET B 76 -17.36 14.03 12.62
C MET B 76 -18.28 13.06 13.38
N GLY B 77 -19.58 13.29 13.32
CA GLY B 77 -20.56 12.40 13.98
C GLY B 77 -20.55 10.97 13.40
N ILE B 78 -20.47 10.88 12.08
CA ILE B 78 -20.45 9.58 11.41
C ILE B 78 -19.20 8.82 11.83
N ALA B 79 -18.06 9.52 11.82
CA ALA B 79 -16.80 8.91 12.22
C ALA B 79 -16.85 8.43 13.65
N ILE B 80 -17.33 9.28 14.54
CA ILE B 80 -17.43 8.92 15.96
C ILE B 80 -18.40 7.76 16.13
N ALA B 81 -19.53 7.83 15.46
CA ALA B 81 -20.55 6.77 15.58
C ALA B 81 -20.01 5.41 15.12
N MET B 82 -19.32 5.42 13.99
CA MET B 82 -18.70 4.21 13.45
C MET B 82 -17.69 3.58 14.39
N ILE B 83 -16.76 4.40 14.90
CA ILE B 83 -15.71 3.89 15.77
C ILE B 83 -16.33 3.42 17.11
N GLY B 84 -17.32 4.18 17.60
CA GLY B 84 -18.06 3.79 18.77
C GLY B 84 -18.82 2.50 18.61
N ALA B 85 -19.42 2.31 17.43
CA ALA B 85 -20.12 1.05 17.16
C ALA B 85 -19.16 -0.15 17.27
N LYS B 86 -18.03 -0.05 16.60
CA LYS B 86 -17.06 -1.13 16.64
C LYS B 86 -16.44 -1.31 18.03
N ARG B 87 -15.99 -0.22 18.66
CA ARG B 87 -15.22 -0.32 19.92
C ARG B 87 -16.08 -0.33 21.19
N GLY B 88 -17.40 -0.27 21.05
CA GLY B 88 -18.27 -0.47 22.16
C GLY B 88 -18.52 0.75 23.02
N HIS B 89 -18.58 1.92 22.40
CA HIS B 89 -18.93 3.16 23.10
C HIS B 89 -20.32 3.67 22.67
N ARG B 90 -21.11 4.06 23.65
CA ARG B 90 -22.37 4.71 23.38
C ARG B 90 -22.02 6.05 22.76
N VAL B 91 -22.74 6.40 21.69
CA VAL B 91 -22.49 7.68 20.99
C VAL B 91 -23.82 8.45 20.88
N ILE B 92 -23.82 9.68 21.42
CA ILE B 92 -24.93 10.61 21.31
C ILE B 92 -24.42 11.79 20.50
N LEU B 93 -25.20 12.21 19.52
CA LEU B 93 -24.80 13.34 18.69
C LEU B 93 -25.91 14.37 18.66
N THR B 94 -25.52 15.65 18.67
CA THR B 94 -26.47 16.74 18.41
C THR B 94 -26.02 17.33 17.06
N MET B 95 -26.95 17.61 16.15
CA MET B 95 -26.58 17.96 14.76
C MET B 95 -27.63 18.94 14.27
N PRO B 96 -27.22 20.06 13.66
CA PRO B 96 -28.18 20.97 13.03
C PRO B 96 -29.03 20.26 11.97
N GLU B 97 -30.33 20.56 11.97
CA GLU B 97 -31.30 20.01 11.01
C GLU B 97 -30.96 20.36 9.54
N THR B 98 -30.19 21.43 9.35
CA THR B 98 -29.78 21.90 8.01
C THR B 98 -28.84 20.95 7.26
N MET B 99 -28.14 20.09 8.00
CA MET B 99 -27.18 19.14 7.38
C MET B 99 -27.93 18.03 6.64
N SER B 100 -27.31 17.46 5.61
CA SER B 100 -28.01 16.56 4.67
C SER B 100 -28.60 15.36 5.39
N VAL B 101 -29.81 14.98 4.98
CA VAL B 101 -30.56 13.95 5.68
C VAL B 101 -29.86 12.57 5.59
N GLU B 102 -29.03 12.39 4.57
CA GLU B 102 -28.25 11.17 4.44
C GLU B 102 -27.54 10.90 5.76
N ARG B 103 -27.05 11.96 6.38
CA ARG B 103 -26.32 11.87 7.64
C ARG B 103 -27.18 11.21 8.72
N ARG B 104 -28.46 11.56 8.77
CA ARG B 104 -29.36 11.08 9.83
C ARG B 104 -29.64 9.58 9.74
N LYS B 105 -29.92 9.12 8.53
CA LYS B 105 -30.05 7.70 8.27
C LYS B 105 -28.74 6.93 8.58
N VAL B 106 -27.61 7.43 8.10
CA VAL B 106 -26.32 6.81 8.36
C VAL B 106 -26.07 6.71 9.87
N LEU B 107 -26.40 7.77 10.62
CA LEU B 107 -26.13 7.77 12.06
C LEU B 107 -26.97 6.74 12.80
N LYS B 108 -28.23 6.58 12.39
CA LYS B 108 -29.11 5.57 12.95
C LYS B 108 -28.59 4.16 12.64
N MET B 109 -28.15 3.91 11.40
CA MET B 109 -27.63 2.59 11.04
C MET B 109 -26.41 2.21 11.89
N LEU B 110 -25.62 3.20 12.28
CA LEU B 110 -24.42 2.98 13.11
C LEU B 110 -24.76 2.93 14.60
N GLY B 111 -26.04 3.06 14.92
CA GLY B 111 -26.51 2.94 16.29
C GLY B 111 -26.28 4.10 17.21
N ALA B 112 -25.97 5.27 16.67
CA ALA B 112 -25.84 6.50 17.45
C ALA B 112 -27.22 7.08 17.78
N GLU B 113 -27.29 7.76 18.91
CA GLU B 113 -28.52 8.39 19.40
C GLU B 113 -28.38 9.83 18.96
N LEU B 114 -29.36 10.30 18.19
CA LEU B 114 -29.26 11.64 17.65
C LEU B 114 -30.37 12.55 18.18
N VAL B 115 -29.96 13.79 18.41
CA VAL B 115 -30.85 14.87 18.83
C VAL B 115 -30.57 16.03 17.85
N LEU B 116 -31.52 16.34 16.98
CA LEU B 116 -31.28 17.38 15.98
C LEU B 116 -31.41 18.76 16.60
N THR B 117 -30.58 19.69 16.14
CA THR B 117 -30.77 21.12 16.49
C THR B 117 -31.17 21.97 15.28
N GLY B 125 -23.91 26.42 19.21
CA GLY B 125 -25.16 26.54 18.47
C GLY B 125 -26.08 25.42 18.91
N ALA B 126 -25.64 24.19 18.57
CA ALA B 126 -26.19 22.92 19.10
C ALA B 126 -25.34 22.40 20.25
N VAL B 127 -24.31 23.18 20.58
CA VAL B 127 -23.31 22.86 21.58
C VAL B 127 -23.96 22.88 22.93
N GLU B 128 -24.96 23.77 23.09
CA GLU B 128 -25.70 23.88 24.31
C GLU B 128 -26.38 22.55 24.66
N LYS B 129 -27.02 21.94 23.67
CA LYS B 129 -27.67 20.66 23.89
C LYS B 129 -26.64 19.56 24.26
N ALA B 130 -25.56 19.47 23.50
CA ALA B 130 -24.47 18.50 23.78
C ALA B 130 -23.92 18.69 25.20
N LEU B 131 -23.65 19.95 25.57
CA LEU B 131 -23.21 20.27 26.92
C LEU B 131 -24.27 19.85 27.98
N GLU B 132 -25.55 20.11 27.68
CA GLU B 132 -26.67 19.71 28.53
C GLU B 132 -26.67 18.19 28.74
N ILE B 133 -26.55 17.47 27.63
CA ILE B 133 -26.53 16.00 27.63
C ILE B 133 -25.33 15.45 28.43
N SER B 134 -24.17 16.05 28.25
CA SER B 134 -23.00 15.72 29.03
C SER B 134 -23.25 15.85 30.54
N ARG B 135 -23.87 16.96 30.97
CA ARG B 135 -24.19 17.12 32.38
C ARG B 135 -25.15 16.04 32.87
N GLU B 136 -26.14 15.70 32.06
CA GLU B 136 -27.23 14.81 32.49
C GLU B 136 -26.80 13.33 32.49
N THR B 137 -25.92 12.97 31.56
CA THR B 137 -25.52 11.57 31.36
C THR B 137 -24.08 11.25 31.76
N GLY B 138 -23.25 12.28 31.97
CA GLY B 138 -21.81 12.04 32.09
C GLY B 138 -21.07 11.76 30.80
N ALA B 139 -21.76 11.67 29.66
CA ALA B 139 -21.12 11.38 28.40
C ALA B 139 -20.02 12.43 28.12
N HIS B 140 -18.92 11.97 27.54
CA HIS B 140 -17.74 12.76 27.43
C HIS B 140 -17.71 13.44 26.06
N MET B 141 -17.43 14.74 26.07
CA MET B 141 -17.33 15.50 24.85
C MET B 141 -15.88 15.51 24.40
N LEU B 142 -15.62 14.98 23.23
CA LEU B 142 -14.26 14.95 22.68
C LEU B 142 -13.81 16.36 22.34
N ASN B 143 -14.77 17.19 21.94
CA ASN B 143 -14.53 18.58 21.56
C ASN B 143 -13.59 18.79 20.37
N GLN B 144 -14.16 18.62 19.20
CA GLN B 144 -13.40 18.57 17.97
C GLN B 144 -12.72 19.90 17.67
N PHE B 145 -13.23 20.98 18.25
CA PHE B 145 -12.67 22.29 17.98
C PHE B 145 -11.52 22.65 18.92
N GLU B 146 -11.36 21.88 20.00
CA GLU B 146 -10.37 22.18 21.03
C GLU B 146 -9.35 21.09 21.28
N ASN B 147 -9.62 19.90 20.77
CA ASN B 147 -8.87 18.75 21.15
C ASN B 147 -7.60 18.65 20.28
N PRO B 148 -6.42 18.74 20.89
CA PRO B 148 -5.17 18.69 20.11
C PRO B 148 -4.98 17.41 19.30
N TYR B 149 -5.64 16.31 19.67
CA TYR B 149 -5.50 15.04 18.95
C TYR B 149 -6.15 15.07 17.57
N ASN B 150 -7.00 16.06 17.33
CA ASN B 150 -7.51 16.34 15.97
C ASN B 150 -6.34 16.75 15.06
N VAL B 151 -5.59 17.75 15.49
CA VAL B 151 -4.36 18.17 14.81
C VAL B 151 -3.31 17.04 14.72
N TYR B 152 -3.06 16.31 15.80
CA TYR B 152 -2.10 15.21 15.77
C TYR B 152 -2.46 14.16 14.71
N SER B 153 -3.74 13.91 14.51
CA SER B 153 -4.15 12.91 13.53
C SER B 153 -3.58 13.29 12.15
N HIS B 154 -3.61 14.58 11.81
CA HIS B 154 -3.13 15.02 10.53
C HIS B 154 -1.61 15.22 10.52
N GLN B 155 -1.04 15.57 11.67
CA GLN B 155 0.41 15.70 11.81
C GLN B 155 1.16 14.39 11.64
N PHE B 156 0.51 13.30 12.08
CA PHE B 156 1.10 12.00 12.08
C PHE B 156 0.58 11.02 11.03
N THR B 157 -0.55 11.31 10.35
CA THR B 157 -1.02 10.48 9.24
C THR B 157 -1.14 11.22 7.93
N THR B 158 -2.12 12.13 7.81
CA THR B 158 -2.34 12.83 6.57
C THR B 158 -1.12 13.56 6.01
N GLY B 159 -0.43 14.33 6.86
CA GLY B 159 0.68 15.18 6.38
C GLY B 159 1.81 14.32 5.84
N PRO B 160 2.29 13.36 6.65
CA PRO B 160 3.34 12.44 6.19
C PRO B 160 2.95 11.68 4.92
N GLU B 161 1.69 11.26 4.80
CA GLU B 161 1.20 10.66 3.56
C GLU B 161 1.39 11.60 2.40
N ILE B 162 0.87 12.82 2.53
CA ILE B 162 0.92 13.80 1.43
C ILE B 162 2.37 14.07 1.01
N LEU B 163 3.24 14.24 2.01
CA LEU B 163 4.63 14.58 1.73
C LEU B 163 5.25 13.51 0.82
N LYS B 164 5.09 12.25 1.19
CA LYS B 164 5.71 11.14 0.42
C LYS B 164 5.01 10.92 -0.92
N GLN B 165 3.69 11.00 -0.89
CA GLN B 165 2.90 10.75 -2.11
C GLN B 165 3.16 11.74 -3.22
N MET B 166 3.53 12.96 -2.84
CA MET B 166 3.83 14.02 -3.76
C MET B 166 5.32 14.06 -4.09
N ASP B 167 6.03 13.01 -3.76
CA ASP B 167 7.49 12.90 -4.06
C ASP B 167 8.30 14.07 -3.49
N TYR B 168 7.89 14.56 -2.32
CA TYR B 168 8.54 15.68 -1.66
C TYR B 168 8.62 16.94 -2.52
N GLN B 169 7.63 17.11 -3.39
CA GLN B 169 7.56 18.25 -4.30
C GLN B 169 6.15 18.85 -4.30
N ILE B 170 5.99 19.90 -3.51
CA ILE B 170 4.73 20.62 -3.34
C ILE B 170 4.95 22.11 -3.31
N ASP B 171 4.18 22.85 -4.10
CA ASP B 171 4.29 24.30 -4.14
C ASP B 171 3.25 24.94 -3.26
N ALA B 172 2.07 24.31 -3.17
CA ALA B 172 0.99 24.82 -2.32
C ALA B 172 0.12 23.68 -1.79
N PHE B 173 -0.40 23.86 -0.57
CA PHE B 173 -1.41 22.99 0.02
C PHE B 173 -2.61 23.85 0.39
N VAL B 174 -3.77 23.49 -0.13
CA VAL B 174 -4.98 24.31 -0.02
C VAL B 174 -6.02 23.49 0.72
N ALA B 175 -6.62 24.05 1.78
CA ALA B 175 -7.67 23.32 2.47
C ALA B 175 -8.70 24.19 3.17
N GLY B 176 -9.96 23.80 3.03
CA GLY B 176 -11.04 24.35 3.81
C GLY B 176 -10.79 24.11 5.28
N VAL B 177 -11.21 25.08 6.08
CA VAL B 177 -11.18 24.98 7.51
C VAL B 177 -12.56 24.76 8.09
N GLY B 178 -12.74 23.62 8.73
CA GLY B 178 -13.90 23.36 9.59
C GLY B 178 -13.42 23.52 11.01
N THR B 179 -12.79 22.47 11.52
CA THR B 179 -12.13 22.51 12.81
C THR B 179 -10.75 23.11 12.71
N GLY B 180 -10.16 23.10 11.51
CA GLY B 180 -8.77 23.49 11.32
C GLY B 180 -7.76 22.37 11.53
N GLY B 181 -8.21 21.17 11.91
CA GLY B 181 -7.26 20.08 12.13
C GLY B 181 -6.42 19.73 10.92
N THR B 182 -7.05 19.63 9.75
CA THR B 182 -6.37 19.19 8.55
C THR B 182 -5.31 20.18 8.17
N ILE B 183 -5.67 21.44 8.06
CA ILE B 183 -4.68 22.41 7.60
C ILE B 183 -3.56 22.59 8.62
N SER B 184 -3.87 22.52 9.90
CA SER B 184 -2.87 22.69 10.94
C SER B 184 -1.85 21.55 10.97
N GLY B 185 -2.35 20.30 10.97
CA GLY B 185 -1.49 19.13 11.05
C GLY B 185 -0.71 18.91 9.77
N VAL B 186 -1.36 19.01 8.63
CA VAL B 186 -0.62 18.92 7.36
C VAL B 186 0.36 20.06 7.22
N GLY B 187 -0.08 21.28 7.53
CA GLY B 187 0.73 22.47 7.47
C GLY B 187 2.00 22.38 8.30
N ARG B 188 1.91 21.85 9.51
CA ARG B 188 3.11 21.64 10.30
C ARG B 188 4.16 20.77 9.61
N VAL B 189 3.72 19.65 9.03
CA VAL B 189 4.67 18.77 8.34
C VAL B 189 5.25 19.45 7.10
N LEU B 190 4.37 20.02 6.28
CA LEU B 190 4.85 20.64 5.06
C LEU B 190 5.79 21.84 5.32
N LYS B 191 5.46 22.70 6.30
CA LYS B 191 6.33 23.81 6.68
C LYS B 191 7.63 23.30 7.26
N GLY B 192 7.56 22.21 8.01
CA GLY B 192 8.74 21.58 8.59
C GLY B 192 9.70 21.16 7.48
N PHE B 193 9.16 20.58 6.41
CA PHE B 193 10.01 20.10 5.33
C PHE B 193 10.38 21.22 4.34
N PHE B 194 9.39 22.00 3.89
CA PHE B 194 9.65 23.01 2.86
C PHE B 194 9.96 24.43 3.33
N GLY B 195 9.62 24.75 4.56
CA GLY B 195 9.73 26.10 5.07
C GLY B 195 8.90 27.04 4.24
N ASN B 196 9.48 28.19 3.89
CA ASN B 196 8.81 29.13 3.03
C ASN B 196 8.59 28.68 1.59
N GLY B 197 9.14 27.54 1.22
CA GLY B 197 9.01 27.04 -0.12
C GLY B 197 7.67 26.39 -0.41
N VAL B 198 6.77 26.34 0.58
CA VAL B 198 5.41 25.89 0.35
C VAL B 198 4.44 26.96 0.85
N LYS B 199 3.40 27.19 0.05
CA LYS B 199 2.28 28.08 0.37
C LYS B 199 1.10 27.30 0.96
N ILE B 200 0.66 27.68 2.16
CA ILE B 200 -0.46 27.02 2.83
C ILE B 200 -1.66 27.96 2.81
N VAL B 201 -2.72 27.54 2.13
CA VAL B 201 -3.88 28.37 1.92
C VAL B 201 -5.14 27.81 2.59
N ALA B 202 -5.72 28.59 3.50
CA ALA B 202 -6.97 28.22 4.14
C ALA B 202 -8.13 28.68 3.25
N VAL B 203 -9.18 27.88 3.22
CA VAL B 203 -10.36 28.16 2.41
C VAL B 203 -11.56 28.36 3.36
N GLU B 204 -12.35 29.38 3.10
CA GLU B 204 -13.60 29.57 3.85
C GLU B 204 -14.69 30.11 2.93
N PRO B 205 -15.93 30.05 3.37
CA PRO B 205 -17.02 30.55 2.55
C PRO B 205 -17.01 32.07 2.45
N ALA B 206 -17.24 32.59 1.25
CA ALA B 206 -17.47 34.04 1.08
C ALA B 206 -18.57 34.57 2.01
N LYS B 207 -19.58 33.74 2.26
CA LYS B 207 -20.72 34.14 3.10
C LYS B 207 -20.41 34.08 4.60
N SER B 208 -19.24 33.54 4.98
CA SER B 208 -18.86 33.53 6.40
C SER B 208 -17.33 33.66 6.53
N PRO B 209 -16.79 34.80 6.10
CA PRO B 209 -15.35 34.96 5.96
C PRO B 209 -14.66 35.40 7.25
N VAL B 210 -14.83 34.58 8.28
CA VAL B 210 -14.32 34.87 9.62
C VAL B 210 -12.80 34.99 9.67
N LEU B 211 -12.09 34.08 9.00
CA LEU B 211 -10.62 34.09 9.03
C LEU B 211 -10.07 35.29 8.28
N SER B 212 -10.83 35.75 7.28
CA SER B 212 -10.47 36.95 6.52
C SER B 212 -10.80 38.24 7.26
N GLY B 213 -11.48 38.15 8.41
CA GLY B 213 -11.80 39.31 9.23
C GLY B 213 -13.23 39.82 9.09
N GLY B 214 -14.08 39.08 8.40
CA GLY B 214 -15.48 39.46 8.24
C GLY B 214 -16.37 38.80 9.28
N GLN B 215 -17.68 38.97 9.13
CA GLN B 215 -18.65 38.47 10.11
C GLN B 215 -19.14 37.09 9.69
N PRO B 216 -19.54 36.27 10.66
CA PRO B 216 -20.16 34.99 10.37
C PRO B 216 -21.49 35.11 9.63
N GLY B 217 -21.76 34.19 8.72
CA GLY B 217 -23.03 34.13 8.02
C GLY B 217 -23.47 32.72 7.70
N LYS B 218 -24.76 32.56 7.39
CA LYS B 218 -25.29 31.29 6.85
C LYS B 218 -24.66 31.01 5.50
N HIS B 219 -24.28 29.75 5.27
CA HIS B 219 -23.82 29.32 3.94
C HIS B 219 -24.09 27.84 3.73
N ALA B 220 -23.87 27.36 2.49
CA ALA B 220 -24.22 25.99 2.11
C ALA B 220 -23.02 25.08 1.84
N ILE B 221 -21.81 25.52 2.18
CA ILE B 221 -20.64 24.67 1.97
C ILE B 221 -20.47 23.76 3.17
N GLN B 222 -21.15 22.61 3.15
CA GLN B 222 -21.22 21.74 4.31
C GLN B 222 -19.80 21.22 4.64
N GLY B 223 -19.43 21.31 5.91
CA GLY B 223 -18.10 20.88 6.35
C GLY B 223 -17.09 21.97 6.68
N ILE B 224 -17.31 23.18 6.18
CA ILE B 224 -16.42 24.27 6.50
C ILE B 224 -17.20 25.42 7.03
N GLY B 225 -16.47 26.41 7.55
CA GLY B 225 -17.04 27.71 7.88
C GLY B 225 -17.87 27.60 9.13
N ALA B 226 -17.20 27.30 10.23
CA ALA B 226 -17.87 27.17 11.51
C ALA B 226 -18.38 28.52 12.07
N GLY B 227 -17.89 29.64 11.53
CA GLY B 227 -18.30 30.99 11.99
C GLY B 227 -17.52 31.52 13.20
N PHE B 228 -16.40 30.88 13.51
CA PHE B 228 -15.48 31.33 14.56
C PHE B 228 -14.10 30.77 14.26
N VAL B 229 -13.10 31.19 15.03
CA VAL B 229 -11.75 30.65 14.87
C VAL B 229 -11.55 29.52 15.86
N PRO B 230 -11.43 28.28 15.36
CA PRO B 230 -11.22 27.17 16.27
C PRO B 230 -9.96 27.31 17.12
N LYS B 231 -10.06 26.91 18.36
CA LYS B 231 -8.89 27.01 19.23
C LYS B 231 -7.68 26.18 18.71
N ILE B 232 -7.95 25.09 17.99
CA ILE B 232 -6.87 24.23 17.49
C ILE B 232 -6.22 24.78 16.22
N LEU B 233 -6.75 25.85 15.63
CA LEU B 233 -6.20 26.37 14.38
C LEU B 233 -4.78 26.91 14.58
N ASP B 234 -3.80 26.30 13.89
CA ASP B 234 -2.43 26.74 14.00
C ASP B 234 -2.14 27.74 12.89
N ARG B 235 -2.35 29.01 13.19
CA ARG B 235 -2.19 30.02 12.17
C ARG B 235 -0.75 30.16 11.70
N SER B 236 0.20 29.65 12.51
CA SER B 236 1.60 29.89 12.20
C SER B 236 2.01 29.15 10.95
N VAL B 237 1.24 28.15 10.55
CA VAL B 237 1.52 27.42 9.32
C VAL B 237 0.75 27.91 8.09
N ILE B 238 -0.16 28.88 8.26
CA ILE B 238 -1.04 29.34 7.20
C ILE B 238 -0.53 30.64 6.62
N ASP B 239 -0.41 30.71 5.30
CA ASP B 239 0.09 31.90 4.61
C ASP B 239 -0.97 32.86 4.13
N GLU B 240 -2.09 32.32 3.65
CA GLU B 240 -3.17 33.13 3.11
C GLU B 240 -4.51 32.46 3.28
N VAL B 241 -5.55 33.29 3.18
CA VAL B 241 -6.92 32.83 3.23
C VAL B 241 -7.62 33.18 1.93
N ILE B 242 -8.36 32.25 1.39
CA ILE B 242 -9.11 32.49 0.14
C ILE B 242 -10.58 32.14 0.36
N THR B 243 -11.49 32.91 -0.21
CA THR B 243 -12.91 32.60 -0.05
C THR B 243 -13.46 31.97 -1.33
N VAL B 244 -14.51 31.18 -1.15
CA VAL B 244 -15.22 30.58 -2.25
C VAL B 244 -16.73 30.80 -2.06
N GLU B 245 -17.43 30.97 -3.18
CA GLU B 245 -18.88 31.14 -3.17
C GLU B 245 -19.57 29.78 -3.12
N ASP B 246 -20.75 29.74 -2.51
CA ASP B 246 -21.50 28.50 -2.38
C ASP B 246 -21.66 27.87 -3.76
N GLU B 247 -22.00 28.71 -4.74
CA GLU B 247 -22.30 28.19 -6.09
C GLU B 247 -21.05 27.62 -6.76
N GLU B 248 -19.89 28.25 -6.54
CA GLU B 248 -18.64 27.75 -7.08
C GLU B 248 -18.36 26.36 -6.56
N ALA B 249 -18.65 26.14 -5.30
CA ALA B 249 -18.40 24.86 -4.66
C ALA B 249 -19.27 23.73 -5.25
N TYR B 250 -20.58 23.95 -5.29
CA TYR B 250 -21.50 23.02 -5.93
C TYR B 250 -21.12 22.73 -7.38
N GLU B 251 -20.83 23.78 -8.14
CA GLU B 251 -20.47 23.66 -9.55
C GLU B 251 -19.23 22.78 -9.75
N MET B 252 -18.21 23.03 -8.93
CA MET B 252 -16.98 22.24 -9.05
C MET B 252 -17.13 20.80 -8.59
N ALA B 253 -17.96 20.57 -7.56
CA ALA B 253 -18.32 19.22 -7.18
C ALA B 253 -18.99 18.43 -8.33
N ARG B 254 -19.94 19.06 -9.00
CA ARG B 254 -20.60 18.40 -10.14
C ARG B 254 -19.58 18.18 -11.25
N TYR B 255 -18.70 19.16 -11.44
CA TYR B 255 -17.69 19.09 -12.50
C TYR B 255 -16.73 17.92 -12.25
N LEU B 256 -16.34 17.74 -11.00
CA LEU B 256 -15.42 16.66 -10.70
C LEU B 256 -16.07 15.30 -11.08
N ALA B 257 -17.37 15.14 -10.79
CA ALA B 257 -18.05 13.89 -11.12
C ALA B 257 -18.14 13.71 -12.63
N LYS B 258 -18.45 14.79 -13.34
CA LYS B 258 -18.70 14.67 -14.79
C LYS B 258 -17.42 14.58 -15.60
N LYS B 259 -16.38 15.31 -15.19
CA LYS B 259 -15.11 15.35 -15.94
C LYS B 259 -14.03 14.40 -15.48
N GLU B 260 -13.98 14.12 -14.19
CA GLU B 260 -12.96 13.23 -13.65
C GLU B 260 -13.51 11.88 -13.17
N GLY B 261 -14.84 11.73 -13.12
CA GLY B 261 -15.44 10.49 -12.61
C GLY B 261 -15.30 10.35 -11.11
N LEU B 262 -15.02 11.46 -10.43
CA LEU B 262 -14.77 11.49 -9.00
C LEU B 262 -16.03 11.89 -8.20
N LEU B 263 -16.55 10.93 -7.44
CA LEU B 263 -17.83 11.13 -6.69
C LEU B 263 -17.57 11.75 -5.33
N VAL B 264 -17.33 13.06 -5.34
CA VAL B 264 -16.90 13.81 -4.17
C VAL B 264 -18.01 14.79 -3.72
N GLY B 265 -17.95 15.20 -2.46
CA GLY B 265 -18.95 16.08 -1.88
C GLY B 265 -18.71 17.56 -2.07
N ILE B 266 -19.54 18.35 -1.38
CA ILE B 266 -19.58 19.78 -1.57
C ILE B 266 -18.25 20.47 -1.18
N SER B 267 -17.70 20.09 -0.05
CA SER B 267 -16.45 20.69 0.40
C SER B 267 -15.26 20.33 -0.48
N SER B 268 -15.39 19.21 -1.21
CA SER B 268 -14.37 18.82 -2.20
C SER B 268 -14.42 19.80 -3.36
N GLY B 269 -15.63 20.15 -3.81
CA GLY B 269 -15.79 21.20 -4.82
C GLY B 269 -15.18 22.53 -4.40
N ALA B 270 -15.40 22.89 -3.13
CA ALA B 270 -14.88 24.13 -2.60
C ALA B 270 -13.37 24.10 -2.58
N ASN B 271 -12.78 22.98 -2.12
CA ASN B 271 -11.30 22.89 -2.06
C ASN B 271 -10.68 22.93 -3.44
N VAL B 272 -11.28 22.23 -4.41
CA VAL B 272 -10.72 22.22 -5.77
C VAL B 272 -10.94 23.58 -6.47
N ALA B 273 -12.10 24.21 -6.25
CA ALA B 273 -12.31 25.59 -6.78
C ALA B 273 -11.26 26.54 -6.28
N ALA B 274 -10.94 26.46 -4.97
CA ALA B 274 -9.87 27.25 -4.40
C ALA B 274 -8.50 26.86 -4.93
N ALA B 275 -8.23 25.57 -5.02
CA ALA B 275 -6.94 25.11 -5.52
C ALA B 275 -6.67 25.61 -6.96
N LEU B 276 -7.71 25.65 -7.79
CA LEU B 276 -7.55 26.17 -9.14
C LEU B 276 -7.15 27.64 -9.14
N LYS B 277 -7.81 28.44 -8.32
CA LYS B 277 -7.44 29.84 -8.17
C LYS B 277 -5.98 30.00 -7.79
N VAL B 278 -5.53 29.17 -6.84
CA VAL B 278 -4.15 29.19 -6.35
C VAL B 278 -3.20 28.78 -7.50
N ALA B 279 -3.54 27.69 -8.20
CA ALA B 279 -2.70 27.18 -9.28
C ALA B 279 -2.55 28.22 -10.38
N GLN B 280 -3.63 28.93 -10.66
CA GLN B 280 -3.64 29.91 -11.75
C GLN B 280 -2.65 31.04 -11.50
N LYS B 281 -2.38 31.33 -10.22
CA LYS B 281 -1.42 32.37 -9.88
C LYS B 281 0.02 31.88 -9.97
N LEU B 282 0.24 30.59 -10.18
CA LEU B 282 1.57 29.99 -10.12
C LEU B 282 2.02 29.50 -11.49
N GLY B 283 3.25 28.97 -11.55
CA GLY B 283 3.82 28.50 -12.80
C GLY B 283 3.05 27.39 -13.48
N PRO B 284 3.40 27.14 -14.74
CA PRO B 284 2.95 25.96 -15.47
C PRO B 284 3.16 24.64 -14.77
N ASP B 285 4.26 24.51 -14.06
CA ASP B 285 4.63 23.23 -13.49
C ASP B 285 4.41 23.20 -12.00
N ALA B 286 3.65 24.17 -11.46
CA ALA B 286 3.30 24.18 -10.03
C ALA B 286 2.52 22.92 -9.64
N ARG B 287 2.69 22.52 -8.37
CA ARG B 287 2.05 21.33 -7.85
C ARG B 287 1.26 21.77 -6.63
N VAL B 288 -0.06 21.73 -6.76
CA VAL B 288 -0.98 22.24 -5.75
C VAL B 288 -1.80 21.09 -5.24
N VAL B 289 -1.69 20.80 -3.93
CA VAL B 289 -2.39 19.68 -3.34
C VAL B 289 -3.61 20.16 -2.57
N THR B 290 -4.72 19.43 -2.66
CA THR B 290 -5.84 19.67 -1.77
C THR B 290 -6.50 18.33 -1.40
N VAL B 291 -7.58 18.43 -0.61
CA VAL B 291 -8.25 17.31 0.02
C VAL B 291 -9.70 17.24 -0.47
N ALA B 292 -10.17 16.03 -0.75
CA ALA B 292 -11.59 15.81 -1.01
C ALA B 292 -12.16 15.12 0.26
N PRO B 293 -12.76 15.90 1.16
CA PRO B 293 -13.16 15.38 2.47
C PRO B 293 -14.16 14.22 2.50
N ASP B 294 -15.05 14.12 1.53
CA ASP B 294 -16.04 13.05 1.53
C ASP B 294 -16.62 12.78 0.14
N HIS B 295 -17.71 12.01 0.08
CA HIS B 295 -18.22 11.46 -1.17
C HIS B 295 -19.60 12.00 -1.54
N ALA B 296 -19.88 11.88 -2.82
CA ALA B 296 -21.06 12.49 -3.43
C ALA B 296 -22.35 11.86 -2.94
N GLU B 297 -22.31 10.57 -2.54
CA GLU B 297 -23.54 9.87 -2.19
C GLU B 297 -24.08 10.32 -0.84
N ARG B 298 -23.29 11.09 -0.12
CA ARG B 298 -23.77 11.73 1.12
C ARG B 298 -24.63 12.98 0.85
N TYR B 299 -24.77 13.36 -0.42
CA TYR B 299 -25.45 14.59 -0.79
C TYR B 299 -26.42 14.39 -1.95
N LEU B 300 -26.96 13.17 -2.11
CA LEU B 300 -27.84 12.93 -3.25
C LEU B 300 -29.08 13.80 -3.17
N SER B 301 -29.48 14.17 -1.96
CA SER B 301 -30.67 14.99 -1.76
C SER B 301 -30.49 16.44 -2.15
N ILE B 302 -29.24 16.94 -2.30
CA ILE B 302 -28.99 18.35 -2.60
C ILE B 302 -28.03 18.69 -3.76
N LEU B 303 -27.17 17.76 -4.16
CA LEU B 303 -26.17 18.04 -5.19
C LEU B 303 -26.69 17.59 -6.55
N HIS C 12 2.84 -15.50 10.56
CA HIS C 12 3.00 -15.44 9.07
C HIS C 12 4.07 -14.44 8.60
N MET C 13 5.28 -14.51 9.17
CA MET C 13 6.35 -13.53 8.87
C MET C 13 6.78 -13.58 7.38
N MET C 14 7.15 -14.77 6.94
CA MET C 14 7.64 -14.91 5.57
C MET C 14 6.52 -14.65 4.54
N GLU C 15 5.31 -15.13 4.83
CA GLU C 15 4.17 -14.80 4.00
C GLU C 15 4.06 -13.29 3.73
N ARG C 16 4.18 -12.49 4.79
CA ARG C 16 3.94 -11.05 4.63
C ARG C 16 5.09 -10.28 3.99
N LEU C 17 6.32 -10.74 4.23
CA LEU C 17 7.49 -10.03 3.75
C LEU C 17 7.76 -10.27 2.25
N ILE C 18 7.46 -11.46 1.77
CA ILE C 18 7.84 -11.87 0.42
C ILE C 18 6.89 -11.27 -0.62
N GLY C 19 7.46 -10.69 -1.67
CA GLY C 19 6.68 -10.09 -2.75
C GLY C 19 6.39 -8.62 -2.53
N SER C 20 5.48 -8.12 -3.36
CA SER C 20 5.06 -6.71 -3.38
C SER C 20 6.27 -5.79 -3.51
N THR C 21 7.16 -6.09 -4.48
CA THR C 21 8.37 -5.33 -4.72
C THR C 21 8.12 -4.19 -5.70
N PRO C 22 8.96 -3.18 -5.65
CA PRO C 22 8.74 -2.02 -6.50
C PRO C 22 9.27 -2.15 -7.92
N ILE C 23 8.70 -1.33 -8.82
CA ILE C 23 9.25 -1.14 -10.15
C ILE C 23 9.75 0.28 -10.28
N VAL C 24 10.95 0.40 -10.84
CA VAL C 24 11.54 1.71 -11.18
C VAL C 24 11.81 1.88 -12.68
N ARG C 25 11.66 3.10 -13.16
CA ARG C 25 11.87 3.41 -14.54
C ARG C 25 13.32 3.83 -14.67
N LEU C 26 14.03 3.29 -15.65
CA LEU C 26 15.49 3.52 -15.75
C LEU C 26 15.81 4.76 -16.61
N ASP C 27 15.41 5.92 -16.12
CA ASP C 27 15.49 7.19 -16.85
C ASP C 27 16.88 7.65 -17.17
N SER C 28 17.86 7.15 -16.43
CA SER C 28 19.22 7.53 -16.69
C SER C 28 19.88 6.58 -17.69
N ILE C 29 19.21 5.48 -18.05
CA ILE C 29 19.72 4.53 -19.03
C ILE C 29 18.82 4.58 -20.28
N ASP C 30 17.55 4.27 -20.09
CA ASP C 30 16.55 4.33 -21.17
C ASP C 30 15.18 4.28 -20.53
N SER C 31 14.41 5.36 -20.69
CA SER C 31 13.16 5.50 -19.96
C SER C 31 12.06 4.57 -20.43
N ARG C 32 12.36 3.75 -21.44
CA ARG C 32 11.46 2.66 -21.86
C ARG C 32 11.57 1.42 -21.02
N ILE C 33 12.62 1.34 -20.20
CA ILE C 33 12.86 0.18 -19.39
C ILE C 33 12.38 0.38 -17.93
N PHE C 34 11.60 -0.61 -17.47
CA PHE C 34 11.04 -0.63 -16.16
C PHE C 34 11.57 -1.90 -15.46
N LEU C 35 12.18 -1.71 -14.28
CA LEU C 35 12.88 -2.75 -13.57
C LEU C 35 12.22 -3.10 -12.23
N LYS C 36 11.85 -4.37 -12.04
CA LYS C 36 11.24 -4.84 -10.81
C LYS C 36 12.34 -5.31 -9.86
N LEU C 37 12.40 -4.68 -8.68
CA LEU C 37 13.51 -4.84 -7.75
C LEU C 37 13.28 -5.97 -6.73
N GLU C 38 13.63 -7.19 -7.11
CA GLU C 38 13.34 -8.35 -6.28
C GLU C 38 14.29 -8.52 -5.09
N LYS C 39 15.40 -7.75 -5.01
CA LYS C 39 16.24 -7.71 -3.81
C LYS C 39 15.53 -7.24 -2.58
N ASN C 40 14.40 -6.57 -2.77
CA ASN C 40 13.62 -6.14 -1.64
C ASN C 40 13.00 -7.28 -0.81
N ASN C 41 12.95 -8.47 -1.38
CA ASN C 41 12.45 -9.65 -0.67
C ASN C 41 13.41 -9.95 0.49
N PRO C 42 12.95 -10.58 1.55
CA PRO C 42 13.80 -10.75 2.72
C PRO C 42 15.07 -11.58 2.53
N GLY C 43 15.02 -12.55 1.61
CA GLY C 43 16.18 -13.33 1.24
C GLY C 43 17.06 -12.69 0.17
N GLY C 44 16.69 -11.49 -0.24
CA GLY C 44 17.52 -10.71 -1.15
C GLY C 44 17.41 -11.12 -2.61
N SER C 45 16.41 -11.93 -2.94
CA SER C 45 16.21 -12.34 -4.33
C SER C 45 14.78 -12.71 -4.67
N VAL C 46 14.54 -12.81 -5.97
CA VAL C 46 13.29 -13.28 -6.53
C VAL C 46 12.90 -14.70 -6.09
N LYS C 47 13.87 -15.51 -5.73
CA LYS C 47 13.62 -16.91 -5.39
C LYS C 47 12.85 -17.16 -4.08
N ASP C 48 12.73 -16.13 -3.24
CA ASP C 48 11.85 -16.22 -2.07
C ASP C 48 10.43 -16.59 -2.45
N ARG C 49 9.95 -16.11 -3.59
CA ARG C 49 8.59 -16.42 -4.04
C ARG C 49 8.37 -17.92 -4.32
N PRO C 50 9.12 -18.55 -5.26
CA PRO C 50 8.93 -19.96 -5.48
C PRO C 50 9.27 -20.81 -4.27
N ALA C 51 10.31 -20.42 -3.49
CA ALA C 51 10.64 -21.18 -2.30
C ALA C 51 9.45 -21.20 -1.33
N LEU C 52 8.81 -20.05 -1.12
CA LEU C 52 7.65 -19.99 -0.24
C LEU C 52 6.53 -20.91 -0.72
N PHE C 53 6.16 -20.77 -1.99
CA PHE C 53 5.07 -21.56 -2.52
C PHE C 53 5.34 -23.05 -2.49
N MET C 54 6.52 -23.46 -2.91
CA MET C 54 6.86 -24.89 -2.90
C MET C 54 6.88 -25.46 -1.44
N ILE C 55 7.36 -24.67 -0.50
CA ILE C 55 7.40 -25.11 0.90
C ILE C 55 5.98 -25.18 1.48
N LEU C 56 5.16 -24.17 1.23
CA LEU C 56 3.77 -24.20 1.70
C LEU C 56 3.04 -25.40 1.11
N ASP C 57 3.22 -25.68 -0.18
CA ASP C 57 2.57 -26.87 -0.79
C ASP C 57 3.05 -28.17 -0.12
N ALA C 58 4.35 -28.30 0.10
CA ALA C 58 4.91 -29.49 0.73
C ALA C 58 4.37 -29.68 2.16
N GLU C 59 4.14 -28.58 2.89
CA GLU C 59 3.61 -28.62 4.27
C GLU C 59 2.15 -29.09 4.30
N LYS C 60 1.34 -28.56 3.41
CA LYS C 60 -0.07 -28.95 3.31
C LYS C 60 -0.18 -30.45 3.00
N ARG C 61 0.77 -30.97 2.23
CA ARG C 61 0.77 -32.38 1.81
C ARG C 61 1.49 -33.30 2.78
N GLY C 62 1.99 -32.74 3.87
CA GLY C 62 2.60 -33.51 4.94
C GLY C 62 3.91 -34.13 4.52
N LEU C 63 4.66 -33.46 3.65
CA LEU C 63 5.88 -34.04 3.07
C LEU C 63 7.19 -33.69 3.79
N LEU C 64 7.11 -32.88 4.85
CA LEU C 64 8.28 -32.27 5.46
C LEU C 64 8.62 -32.76 6.88
N LYS C 65 8.14 -33.93 7.28
CA LYS C 65 8.48 -34.48 8.62
C LYS C 65 9.99 -34.58 8.80
N ASN C 66 10.69 -34.91 7.73
CA ASN C 66 12.13 -35.09 7.75
C ASN C 66 12.95 -33.97 7.14
N GLY C 67 12.30 -32.83 6.91
CA GLY C 67 12.98 -31.66 6.39
C GLY C 67 13.03 -31.63 4.87
N ILE C 68 13.93 -30.76 4.39
CA ILE C 68 14.07 -30.47 2.96
C ILE C 68 15.49 -30.76 2.54
N VAL C 69 15.65 -31.28 1.32
CA VAL C 69 16.96 -31.37 0.70
C VAL C 69 16.84 -30.94 -0.74
N GLU C 70 17.74 -30.09 -1.23
CA GLU C 70 17.64 -29.54 -2.60
C GLU C 70 18.99 -29.08 -3.23
N PRO C 71 19.12 -29.27 -4.55
CA PRO C 71 20.07 -28.55 -5.49
C PRO C 71 20.10 -26.98 -5.64
N THR C 72 21.31 -26.41 -5.72
CA THR C 72 21.58 -24.95 -5.62
C THR C 72 22.44 -24.23 -6.71
N SER C 73 21.91 -23.26 -7.45
CA SER C 73 22.81 -22.27 -8.10
C SER C 73 23.20 -21.15 -7.13
N GLY C 74 22.30 -20.85 -6.20
CA GLY C 74 22.60 -19.98 -5.10
C GLY C 74 21.37 -19.44 -4.44
N ASN C 75 20.64 -18.59 -5.17
CA ASN C 75 19.54 -17.86 -4.55
C ASN C 75 18.41 -18.76 -4.09
N MET C 76 18.12 -19.83 -4.83
CA MET C 76 17.04 -20.71 -4.40
C MET C 76 17.43 -21.37 -3.07
N GLY C 77 18.70 -21.73 -2.92
CA GLY C 77 19.21 -22.23 -1.64
C GLY C 77 19.09 -21.28 -0.46
N ILE C 78 19.45 -20.02 -0.67
CA ILE C 78 19.25 -18.98 0.35
C ILE C 78 17.79 -18.85 0.74
N ALA C 79 16.92 -18.80 -0.25
CA ALA C 79 15.49 -18.63 0.02
C ALA C 79 14.96 -19.82 0.83
N ILE C 80 15.23 -21.03 0.42
CA ILE C 80 14.78 -22.23 1.14
C ILE C 80 15.36 -22.27 2.58
N ALA C 81 16.66 -22.00 2.72
CA ALA C 81 17.32 -21.97 4.03
C ALA C 81 16.68 -20.95 4.98
N MET C 82 16.41 -19.76 4.48
CA MET C 82 15.73 -18.72 5.24
C MET C 82 14.36 -19.18 5.72
N ILE C 83 13.55 -19.69 4.79
CA ILE C 83 12.18 -20.02 5.14
C ILE C 83 12.21 -21.23 6.09
N GLY C 84 13.08 -22.19 5.82
CA GLY C 84 13.29 -23.34 6.69
C GLY C 84 13.75 -22.95 8.08
N ALA C 85 14.61 -21.95 8.16
CA ALA C 85 15.07 -21.45 9.46
C ALA C 85 13.86 -20.94 10.27
N LYS C 86 13.03 -20.12 9.64
CA LYS C 86 11.93 -19.51 10.34
C LYS C 86 10.85 -20.52 10.71
N ARG C 87 10.52 -21.42 9.77
CA ARG C 87 9.37 -22.30 9.92
C ARG C 87 9.70 -23.63 10.56
N GLY C 88 10.95 -23.84 10.90
CA GLY C 88 11.37 -25.00 11.66
C GLY C 88 11.54 -26.28 10.86
N HIS C 89 12.09 -26.17 9.65
CA HIS C 89 12.40 -27.30 8.82
C HIS C 89 13.90 -27.41 8.69
N ARG C 90 14.44 -28.60 8.93
CA ARG C 90 15.82 -28.89 8.58
C ARG C 90 16.01 -28.70 7.08
N VAL C 91 17.17 -28.14 6.70
CA VAL C 91 17.50 -27.81 5.31
C VAL C 91 18.92 -28.24 4.92
N ILE C 92 19.00 -29.14 3.93
CA ILE C 92 20.25 -29.65 3.37
C ILE C 92 20.33 -29.21 1.89
N LEU C 93 21.49 -28.67 1.47
CA LEU C 93 21.70 -28.12 0.08
C LEU C 93 23.02 -28.55 -0.61
N THR C 94 23.04 -28.47 -1.96
CA THR C 94 24.22 -28.79 -2.83
C THR C 94 24.47 -27.68 -3.91
N MET C 95 25.73 -27.26 -4.15
CA MET C 95 26.02 -26.09 -5.06
C MET C 95 27.36 -26.23 -5.84
N PRO C 96 27.44 -25.75 -7.08
CA PRO C 96 28.73 -25.74 -7.80
C PRO C 96 29.67 -24.72 -7.20
N GLU C 97 30.96 -25.09 -7.10
CA GLU C 97 31.97 -24.20 -6.50
C GLU C 97 32.27 -22.95 -7.34
N THR C 98 31.76 -22.93 -8.56
CA THR C 98 31.91 -21.79 -9.46
C THR C 98 31.03 -20.58 -9.06
N MET C 99 30.07 -20.78 -8.17
CA MET C 99 29.18 -19.68 -7.75
C MET C 99 29.85 -18.84 -6.65
N SER C 100 29.38 -17.60 -6.44
CA SER C 100 30.06 -16.68 -5.49
C SER C 100 30.15 -17.23 -4.06
N VAL C 101 31.33 -17.12 -3.44
CA VAL C 101 31.50 -17.57 -2.05
C VAL C 101 30.64 -16.78 -1.02
N GLU C 102 30.03 -15.69 -1.45
CA GLU C 102 29.12 -14.92 -0.59
C GLU C 102 27.96 -15.83 -0.19
N ARG C 103 27.37 -16.49 -1.19
CA ARG C 103 26.34 -17.52 -0.99
C ARG C 103 26.74 -18.56 0.10
N ARG C 104 27.98 -19.00 0.08
CA ARG C 104 28.43 -20.04 1.02
C ARG C 104 28.32 -19.58 2.49
N LYS C 105 28.70 -18.33 2.75
CA LYS C 105 28.62 -17.81 4.11
C LYS C 105 27.17 -17.56 4.56
N VAL C 106 26.34 -17.10 3.63
CA VAL C 106 24.95 -16.82 3.92
C VAL C 106 24.20 -18.09 4.32
N LEU C 107 24.48 -19.18 3.64
CA LEU C 107 23.77 -20.43 3.91
C LEU C 107 24.06 -20.94 5.32
N LYS C 108 25.31 -20.80 5.73
CA LYS C 108 25.69 -21.23 7.05
C LYS C 108 25.11 -20.29 8.11
N MET C 109 25.04 -18.99 7.81
CA MET C 109 24.35 -18.00 8.68
C MET C 109 22.90 -18.45 8.98
N LEU C 110 22.20 -18.96 7.95
CA LEU C 110 20.81 -19.43 8.06
C LEU C 110 20.61 -20.85 8.58
N GLY C 111 21.70 -21.54 8.84
CA GLY C 111 21.66 -22.85 9.49
C GLY C 111 21.45 -24.02 8.55
N ALA C 112 21.64 -23.79 7.25
CA ALA C 112 21.54 -24.88 6.29
C ALA C 112 22.75 -25.80 6.35
N GLU C 113 22.52 -27.09 6.10
CA GLU C 113 23.58 -28.10 6.12
C GLU C 113 24.14 -28.30 4.71
N ALA C 139 14.13 -36.78 4.02
CA ALA C 139 14.10 -35.37 3.61
C ALA C 139 13.48 -35.23 2.24
N HIS C 140 12.72 -34.16 2.07
CA HIS C 140 11.94 -33.99 0.85
C HIS C 140 12.62 -33.04 -0.13
N MET C 141 12.75 -33.49 -1.38
CA MET C 141 13.22 -32.61 -2.45
C MET C 141 12.07 -31.80 -3.07
N LEU C 142 12.29 -30.49 -3.21
CA LEU C 142 11.28 -29.62 -3.79
C LEU C 142 11.28 -29.67 -5.32
N ASN C 143 12.45 -29.87 -5.90
CA ASN C 143 12.62 -30.04 -7.34
C ASN C 143 12.28 -28.73 -8.09
N GLN C 144 13.13 -27.72 -7.92
CA GLN C 144 12.83 -26.37 -8.44
C GLN C 144 12.58 -26.29 -9.97
N PHE C 145 13.15 -27.21 -10.74
CA PHE C 145 12.99 -27.19 -12.20
C PHE C 145 11.74 -27.90 -12.73
N GLU C 146 11.05 -28.62 -11.83
CA GLU C 146 9.88 -29.45 -12.19
C GLU C 146 8.62 -29.15 -11.40
N ASN C 147 8.74 -28.42 -10.28
CA ASN C 147 7.62 -28.15 -9.38
C ASN C 147 6.70 -27.01 -9.87
N PRO C 148 5.44 -27.30 -10.16
CA PRO C 148 4.52 -26.28 -10.68
C PRO C 148 4.33 -25.08 -9.75
N TYR C 149 4.59 -25.26 -8.44
CA TYR C 149 4.40 -24.19 -7.47
C TYR C 149 5.43 -23.10 -7.64
N ASN C 150 6.52 -23.41 -8.33
CA ASN C 150 7.44 -22.37 -8.76
C ASN C 150 6.72 -21.40 -9.74
N VAL C 151 6.14 -21.96 -10.79
CA VAL C 151 5.37 -21.14 -11.73
C VAL C 151 4.17 -20.43 -11.03
N TYR C 152 3.45 -21.14 -10.16
CA TYR C 152 2.30 -20.56 -9.46
C TYR C 152 2.69 -19.32 -8.65
N SER C 153 3.89 -19.30 -8.05
CA SER C 153 4.32 -18.15 -7.27
C SER C 153 4.29 -16.88 -8.13
N HIS C 154 4.70 -17.02 -9.38
CA HIS C 154 4.76 -15.89 -10.31
C HIS C 154 3.45 -15.63 -10.97
N GLN C 155 2.68 -16.67 -11.20
CA GLN C 155 1.33 -16.54 -11.71
C GLN C 155 0.41 -15.85 -10.73
N PHE C 156 0.62 -16.05 -9.42
CA PHE C 156 -0.27 -15.48 -8.44
C PHE C 156 0.30 -14.29 -7.70
N THR C 157 1.61 -14.01 -7.82
CA THR C 157 2.15 -12.83 -7.15
C THR C 157 2.85 -11.87 -8.09
N THR C 158 3.91 -12.33 -8.74
CA THR C 158 4.74 -11.46 -9.54
C THR C 158 4.00 -10.88 -10.74
N GLY C 159 3.30 -11.74 -11.47
CA GLY C 159 2.57 -11.33 -12.64
C GLY C 159 1.48 -10.33 -12.32
N PRO C 160 0.59 -10.66 -11.38
CA PRO C 160 -0.42 -9.72 -10.96
C PRO C 160 0.14 -8.38 -10.50
N GLU C 161 1.24 -8.40 -9.72
CA GLU C 161 1.92 -7.17 -9.35
C GLU C 161 2.30 -6.33 -10.55
N ILE C 162 3.05 -6.94 -11.48
CA ILE C 162 3.55 -6.27 -12.67
C ILE C 162 2.42 -5.64 -13.48
N LEU C 163 1.33 -6.38 -13.65
CA LEU C 163 0.23 -5.91 -14.46
C LEU C 163 -0.36 -4.61 -13.93
N LYS C 164 -0.60 -4.60 -12.63
CA LYS C 164 -1.10 -3.41 -11.96
C LYS C 164 -0.08 -2.27 -11.87
N GLN C 165 1.15 -2.58 -11.46
CA GLN C 165 2.18 -1.55 -11.30
C GLN C 165 2.45 -0.82 -12.61
N MET C 166 2.27 -1.51 -13.73
CA MET C 166 2.50 -0.92 -15.05
C MET C 166 1.22 -0.29 -15.65
N ASP C 167 0.21 -0.10 -14.81
CA ASP C 167 -1.02 0.56 -15.23
C ASP C 167 -1.62 -0.16 -16.44
N TYR C 168 -1.48 -1.50 -16.49
CA TYR C 168 -2.03 -2.33 -17.58
C TYR C 168 -1.54 -1.96 -18.98
N GLN C 169 -0.34 -1.40 -19.04
CA GLN C 169 0.24 -0.97 -20.31
C GLN C 169 1.64 -1.51 -20.37
N ILE C 170 1.82 -2.56 -21.16
CA ILE C 170 3.11 -3.24 -21.33
C ILE C 170 3.26 -3.70 -22.76
N ASP C 171 4.39 -3.37 -23.39
CA ASP C 171 4.68 -3.83 -24.72
C ASP C 171 5.53 -5.08 -24.75
N ALA C 172 6.45 -5.22 -23.80
CA ALA C 172 7.21 -6.46 -23.66
C ALA C 172 7.60 -6.73 -22.23
N PHE C 173 7.66 -8.01 -21.92
CA PHE C 173 8.26 -8.49 -20.65
C PHE C 173 9.45 -9.36 -21.00
N VAL C 174 10.60 -9.05 -20.40
CA VAL C 174 11.87 -9.64 -20.77
C VAL C 174 12.44 -10.25 -19.51
N ALA C 175 12.81 -11.52 -19.54
CA ALA C 175 13.37 -12.17 -18.35
C ALA C 175 14.29 -13.32 -18.65
N GLY C 176 15.43 -13.33 -17.98
CA GLY C 176 16.31 -14.46 -18.01
C GLY C 176 15.62 -15.67 -17.44
N VAL C 177 16.03 -16.82 -17.94
CA VAL C 177 15.51 -18.09 -17.50
C VAL C 177 16.58 -18.81 -16.69
N GLY C 178 16.26 -19.08 -15.42
CA GLY C 178 17.04 -20.00 -14.61
C GLY C 178 16.20 -21.26 -14.53
N THR C 179 15.24 -21.30 -13.63
CA THR C 179 14.22 -22.37 -13.61
C THR C 179 13.14 -22.17 -14.65
N GLY C 180 12.92 -20.94 -15.11
CA GLY C 180 11.81 -20.60 -15.99
C GLY C 180 10.51 -20.24 -15.27
N GLY C 181 10.51 -20.29 -13.94
CA GLY C 181 9.33 -19.92 -13.19
C GLY C 181 8.84 -18.51 -13.46
N THR C 182 9.76 -17.55 -13.43
CA THR C 182 9.37 -16.13 -13.56
C THR C 182 8.71 -15.86 -14.91
N ILE C 183 9.38 -16.27 -15.98
CA ILE C 183 8.85 -15.95 -17.31
C ILE C 183 7.54 -16.70 -17.57
N SER C 184 7.42 -17.91 -17.04
CA SER C 184 6.25 -18.75 -17.26
C SER C 184 5.02 -18.21 -16.49
N GLY C 185 5.19 -17.83 -15.23
CA GLY C 185 4.07 -17.33 -14.44
C GLY C 185 3.66 -15.91 -14.86
N VAL C 186 4.63 -15.03 -14.98
CA VAL C 186 4.37 -13.67 -15.45
C VAL C 186 3.81 -13.73 -16.89
N GLY C 187 4.45 -14.51 -17.76
CA GLY C 187 3.98 -14.74 -19.12
C GLY C 187 2.53 -15.19 -19.23
N ARG C 188 2.12 -16.12 -18.39
CA ARG C 188 0.73 -16.57 -18.41
C ARG C 188 -0.26 -15.44 -18.17
N VAL C 189 0.05 -14.60 -17.18
CA VAL C 189 -0.81 -13.49 -16.80
C VAL C 189 -0.84 -12.41 -17.88
N LEU C 190 0.33 -12.01 -18.35
CA LEU C 190 0.41 -10.96 -19.32
C LEU C 190 -0.18 -11.41 -20.68
N LYS C 191 0.05 -12.65 -21.10
CA LYS C 191 -0.62 -13.20 -22.30
C LYS C 191 -2.14 -13.27 -22.15
N GLY C 192 -2.60 -13.67 -20.98
CA GLY C 192 -4.04 -13.61 -20.68
C GLY C 192 -4.66 -12.24 -20.87
N PHE C 193 -3.95 -11.22 -20.40
CA PHE C 193 -4.45 -9.88 -20.46
C PHE C 193 -4.25 -9.25 -21.83
N PHE C 194 -3.04 -9.38 -22.40
CA PHE C 194 -2.69 -8.67 -23.66
C PHE C 194 -2.75 -9.51 -24.96
N GLY C 195 -2.70 -10.84 -24.85
CA GLY C 195 -2.55 -11.73 -26.00
C GLY C 195 -1.32 -11.40 -26.81
N ASN C 196 -1.47 -11.33 -28.13
CA ASN C 196 -0.35 -11.00 -29.02
C ASN C 196 0.09 -9.52 -28.90
N GLY C 197 -0.68 -8.73 -28.16
CA GLY C 197 -0.30 -7.36 -27.78
C GLY C 197 0.89 -7.18 -26.83
N VAL C 198 1.42 -8.27 -26.31
CA VAL C 198 2.61 -8.19 -25.46
C VAL C 198 3.61 -9.20 -25.96
N LYS C 199 4.87 -8.82 -25.97
CA LYS C 199 5.94 -9.71 -26.38
C LYS C 199 6.63 -10.30 -25.15
N ILE C 200 6.73 -11.62 -25.05
CA ILE C 200 7.39 -12.23 -23.90
C ILE C 200 8.73 -12.76 -24.40
N VAL C 201 9.82 -12.24 -23.84
CA VAL C 201 11.16 -12.53 -24.35
C VAL C 201 11.99 -13.21 -23.28
N ALA C 202 12.44 -14.42 -23.57
CA ALA C 202 13.32 -15.17 -22.70
C ALA C 202 14.76 -14.75 -22.96
N VAL C 203 15.60 -14.75 -21.91
CA VAL C 203 17.01 -14.34 -22.01
C VAL C 203 17.89 -15.49 -21.57
N GLU C 204 18.98 -15.71 -22.31
CA GLU C 204 19.93 -16.70 -21.91
C GLU C 204 21.35 -16.26 -22.33
N PRO C 205 22.38 -16.89 -21.77
CA PRO C 205 23.76 -16.53 -22.13
C PRO C 205 24.13 -16.95 -23.55
N ALA C 206 24.77 -16.05 -24.30
CA ALA C 206 25.29 -16.37 -25.64
C ALA C 206 26.22 -17.60 -25.59
N LYS C 207 26.88 -17.78 -24.45
CA LYS C 207 27.80 -18.90 -24.24
C LYS C 207 27.11 -20.22 -23.94
N SER C 208 25.81 -20.19 -23.66
CA SER C 208 25.01 -21.40 -23.40
C SER C 208 23.58 -21.20 -23.94
N PRO C 209 23.43 -21.09 -25.27
CA PRO C 209 22.15 -20.70 -25.85
C PRO C 209 21.23 -21.90 -26.09
N VAL C 210 20.88 -22.60 -25.02
CA VAL C 210 20.12 -23.84 -25.10
C VAL C 210 18.68 -23.62 -25.55
N LEU C 211 18.03 -22.59 -25.05
CA LEU C 211 16.62 -22.31 -25.43
C LEU C 211 16.50 -21.88 -26.89
N SER C 212 17.59 -21.35 -27.42
CA SER C 212 17.72 -20.98 -28.81
C SER C 212 18.04 -22.19 -29.70
N GLY C 213 18.27 -23.36 -29.11
CA GLY C 213 18.56 -24.57 -29.87
C GLY C 213 20.04 -24.88 -30.04
N GLY C 214 20.87 -24.10 -29.34
CA GLY C 214 22.32 -24.28 -29.35
C GLY C 214 22.79 -25.20 -28.23
N GLN C 215 24.10 -25.26 -28.06
CA GLN C 215 24.71 -26.19 -27.12
C GLN C 215 25.03 -25.49 -25.80
N PRO C 216 24.97 -26.22 -24.70
CA PRO C 216 25.35 -25.67 -23.42
C PRO C 216 26.84 -25.39 -23.35
N GLY C 217 27.23 -24.49 -22.45
CA GLY C 217 28.64 -24.19 -22.18
C GLY C 217 28.79 -23.40 -20.90
N LYS C 218 30.02 -23.29 -20.42
CA LYS C 218 30.23 -22.57 -19.19
C LYS C 218 30.10 -21.07 -19.48
N HIS C 219 29.50 -20.36 -18.54
CA HIS C 219 29.29 -18.92 -18.65
C HIS C 219 29.28 -18.31 -17.25
N ALA C 220 29.33 -16.99 -17.16
CA ALA C 220 29.49 -16.29 -15.89
C ALA C 220 28.26 -15.52 -15.44
N ILE C 221 27.13 -15.68 -16.12
CA ILE C 221 25.93 -14.96 -15.75
C ILE C 221 25.20 -15.79 -14.68
N GLN C 222 25.66 -15.67 -13.44
CA GLN C 222 25.08 -16.43 -12.32
C GLN C 222 23.57 -16.24 -12.19
N GLY C 223 22.83 -17.34 -12.09
CA GLY C 223 21.39 -17.30 -11.85
C GLY C 223 20.56 -17.62 -13.07
N ILE C 224 21.17 -17.57 -14.25
CA ILE C 224 20.54 -18.05 -15.46
C ILE C 224 21.42 -19.08 -16.18
N GLY C 225 20.86 -19.67 -17.24
CA GLY C 225 21.59 -20.53 -18.14
C GLY C 225 21.98 -21.84 -17.49
N ALA C 226 20.98 -22.61 -17.10
CA ALA C 226 21.21 -23.90 -16.44
C ALA C 226 21.80 -24.96 -17.37
N GLY C 227 21.71 -24.75 -18.69
CA GLY C 227 22.31 -25.69 -19.66
C GLY C 227 21.38 -26.79 -20.11
N PHE C 228 20.12 -26.71 -19.67
CA PHE C 228 19.03 -27.57 -20.15
C PHE C 228 17.75 -26.78 -20.15
N VAL C 229 16.69 -27.33 -20.74
CA VAL C 229 15.41 -26.65 -20.76
C VAL C 229 14.61 -27.15 -19.56
N PRO C 230 14.31 -26.29 -18.59
CA PRO C 230 13.52 -26.73 -17.43
C PRO C 230 12.15 -27.26 -17.79
N LYS C 231 11.73 -28.28 -17.06
CA LYS C 231 10.45 -28.90 -17.29
C LYS C 231 9.30 -27.92 -17.17
N ILE C 232 9.36 -27.03 -16.17
CA ILE C 232 8.33 -26.03 -15.95
C ILE C 232 8.26 -24.89 -16.96
N LEU C 233 9.24 -24.74 -17.84
CA LEU C 233 9.23 -23.62 -18.78
C LEU C 233 8.02 -23.70 -19.72
N ASP C 234 7.16 -22.69 -19.67
CA ASP C 234 5.95 -22.65 -20.49
C ASP C 234 6.29 -22.00 -21.83
N ARG C 235 6.62 -22.84 -22.79
CA ARG C 235 6.99 -22.37 -24.14
C ARG C 235 5.83 -21.85 -24.93
N SER C 236 4.61 -22.11 -24.47
CA SER C 236 3.40 -21.60 -25.17
C SER C 236 3.17 -20.08 -24.97
N VAL C 237 3.83 -19.49 -23.96
CA VAL C 237 3.69 -18.05 -23.68
C VAL C 237 4.90 -17.19 -24.07
N ILE C 238 5.92 -17.79 -24.66
CA ILE C 238 7.16 -17.09 -25.01
C ILE C 238 7.24 -16.86 -26.51
N ASP C 239 7.57 -15.64 -26.90
CA ASP C 239 7.64 -15.22 -28.31
C ASP C 239 9.01 -15.34 -28.94
N GLU C 240 10.03 -15.09 -28.14
CA GLU C 240 11.39 -15.21 -28.60
C GLU C 240 12.39 -15.35 -27.49
N VAL C 241 13.58 -15.74 -27.91
CA VAL C 241 14.75 -15.83 -27.05
C VAL C 241 15.84 -14.92 -27.61
N ILE C 242 16.45 -14.16 -26.69
CA ILE C 242 17.55 -13.24 -26.96
C ILE C 242 18.74 -13.69 -26.09
N THR C 243 19.95 -13.65 -26.65
CA THR C 243 21.16 -13.95 -25.89
C THR C 243 21.91 -12.70 -25.43
N VAL C 244 22.68 -12.86 -24.37
CA VAL C 244 23.46 -11.78 -23.79
C VAL C 244 24.86 -12.32 -23.55
N GLU C 245 25.85 -11.51 -23.83
CA GLU C 245 27.22 -11.92 -23.59
C GLU C 245 27.61 -11.65 -22.14
N ASP C 246 28.56 -12.43 -21.63
CA ASP C 246 29.01 -12.29 -20.23
C ASP C 246 29.44 -10.85 -19.94
N GLU C 247 30.26 -10.28 -20.82
CA GLU C 247 30.71 -8.91 -20.56
C GLU C 247 29.60 -7.88 -20.69
N GLU C 248 28.64 -8.10 -21.58
CA GLU C 248 27.45 -7.25 -21.64
C GLU C 248 26.71 -7.15 -20.30
N ALA C 249 26.52 -8.31 -19.68
CA ALA C 249 25.80 -8.43 -18.41
C ALA C 249 26.56 -7.72 -17.31
N TYR C 250 27.85 -7.98 -17.24
CA TYR C 250 28.68 -7.34 -16.21
C TYR C 250 28.73 -5.81 -16.36
N GLU C 251 29.02 -5.34 -17.56
CA GLU C 251 29.05 -3.88 -17.85
C GLU C 251 27.72 -3.23 -17.45
N MET C 252 26.62 -3.88 -17.76
CA MET C 252 25.31 -3.30 -17.48
C MET C 252 24.99 -3.29 -16.00
N ALA C 253 25.38 -4.33 -15.27
CA ALA C 253 25.23 -4.31 -13.81
C ALA C 253 26.03 -3.18 -13.16
N ARG C 254 27.23 -2.93 -13.67
CA ARG C 254 28.04 -1.83 -13.15
C ARG C 254 27.40 -0.49 -13.55
N TYR C 255 26.82 -0.45 -14.74
CA TYR C 255 26.17 0.75 -15.24
C TYR C 255 24.96 1.10 -14.38
N LEU C 256 24.20 0.08 -13.99
CA LEU C 256 23.02 0.31 -13.16
C LEU C 256 23.43 0.94 -11.82
N ALA C 257 24.53 0.46 -11.25
CA ALA C 257 24.98 0.98 -9.95
C ALA C 257 25.48 2.41 -10.11
N LYS C 258 26.27 2.68 -11.15
CA LYS C 258 26.85 4.01 -11.33
C LYS C 258 25.86 5.06 -11.83
N LYS C 259 24.90 4.67 -12.68
CA LYS C 259 24.02 5.66 -13.34
C LYS C 259 22.68 5.79 -12.65
N GLU C 260 22.17 4.69 -12.09
CA GLU C 260 20.86 4.69 -11.45
C GLU C 260 20.93 4.56 -9.95
N GLY C 261 22.12 4.23 -9.44
CA GLY C 261 22.31 3.95 -8.00
C GLY C 261 21.65 2.64 -7.55
N LEU C 262 21.44 1.72 -8.49
CA LEU C 262 20.77 0.45 -8.17
C LEU C 262 21.78 -0.66 -8.00
N LEU C 263 21.90 -1.14 -6.77
CA LEU C 263 22.84 -2.17 -6.39
C LEU C 263 22.28 -3.54 -6.74
N VAL C 264 22.39 -3.89 -8.02
CA VAL C 264 21.83 -5.12 -8.53
C VAL C 264 22.92 -6.09 -8.99
N GLY C 265 22.56 -7.37 -9.07
CA GLY C 265 23.49 -8.41 -9.43
C GLY C 265 23.67 -8.66 -10.93
N ILE C 266 24.44 -9.70 -11.24
CA ILE C 266 24.87 -9.92 -12.59
C ILE C 266 23.69 -10.24 -13.53
N SER C 267 22.76 -11.07 -13.06
CA SER C 267 21.61 -11.45 -13.88
C SER C 267 20.65 -10.26 -14.13
N SER C 268 20.69 -9.27 -13.26
CA SER C 268 19.96 -8.01 -13.46
C SER C 268 20.60 -7.23 -14.62
N GLY C 269 21.93 -7.20 -14.69
CA GLY C 269 22.63 -6.61 -15.84
C GLY C 269 22.24 -7.27 -17.15
N ALA C 270 22.23 -8.60 -17.15
CA ALA C 270 21.79 -9.39 -18.30
C ALA C 270 20.38 -9.05 -18.75
N ASN C 271 19.47 -8.99 -17.80
CA ASN C 271 18.10 -8.66 -18.09
C ASN C 271 17.92 -7.29 -18.69
N VAL C 272 18.57 -6.28 -18.11
CA VAL C 272 18.47 -4.91 -18.63
C VAL C 272 19.15 -4.76 -20.00
N ALA C 273 20.32 -5.39 -20.18
CA ALA C 273 20.97 -5.41 -21.50
C ALA C 273 20.04 -5.96 -22.58
N ALA C 274 19.42 -7.07 -22.26
CA ALA C 274 18.41 -7.64 -23.15
C ALA C 274 17.21 -6.72 -23.35
N ALA C 275 16.69 -6.11 -22.29
CA ALA C 275 15.51 -5.22 -22.42
C ALA C 275 15.83 -4.00 -23.30
N LEU C 276 17.05 -3.51 -23.18
CA LEU C 276 17.48 -2.39 -24.01
C LEU C 276 17.39 -2.77 -25.49
N LYS C 277 17.88 -3.95 -25.85
CA LYS C 277 17.84 -4.40 -27.25
C LYS C 277 16.40 -4.57 -27.74
N VAL C 278 15.54 -5.07 -26.85
CA VAL C 278 14.13 -5.21 -27.13
C VAL C 278 13.46 -3.85 -27.32
N ALA C 279 13.69 -2.92 -26.40
CA ALA C 279 13.12 -1.58 -26.48
C ALA C 279 13.58 -0.87 -27.77
N GLN C 280 14.84 -1.03 -28.13
CA GLN C 280 15.42 -0.35 -29.30
C GLN C 280 14.74 -0.77 -30.61
N LYS C 281 14.29 -2.01 -30.66
CA LYS C 281 13.54 -2.52 -31.81
C LYS C 281 12.07 -2.07 -31.81
N LEU C 282 11.59 -1.53 -30.70
CA LEU C 282 10.18 -1.19 -30.54
C LEU C 282 9.87 0.30 -30.71
N GLY C 283 10.85 1.18 -30.56
CA GLY C 283 10.63 2.61 -30.77
C GLY C 283 10.13 3.46 -29.59
N PRO C 284 9.92 4.75 -29.86
CA PRO C 284 9.94 5.84 -28.87
C PRO C 284 9.22 5.66 -27.54
N ASP C 285 8.05 5.03 -27.61
CA ASP C 285 7.08 5.09 -26.55
C ASP C 285 6.86 3.72 -25.93
N ALA C 286 7.72 2.76 -26.27
CA ALA C 286 7.60 1.37 -25.82
C ALA C 286 7.76 1.30 -24.30
N ARG C 287 7.03 0.37 -23.68
CA ARG C 287 7.15 0.08 -22.25
C ARG C 287 7.59 -1.37 -22.07
N VAL C 288 8.84 -1.55 -21.65
CA VAL C 288 9.49 -2.86 -21.60
C VAL C 288 9.85 -3.12 -20.13
N VAL C 289 9.26 -4.17 -19.56
CA VAL C 289 9.43 -4.50 -18.15
C VAL C 289 10.41 -5.65 -18.06
N THR C 290 11.30 -5.58 -17.07
CA THR C 290 12.12 -6.71 -16.72
C THR C 290 12.32 -6.78 -15.20
N VAL C 291 13.13 -7.76 -14.78
CA VAL C 291 13.34 -8.09 -13.37
C VAL C 291 14.83 -7.95 -13.00
N ALA C 292 15.06 -7.49 -11.78
CA ALA C 292 16.36 -7.50 -11.14
C ALA C 292 16.33 -8.58 -10.06
N PRO C 293 16.78 -9.80 -10.40
CA PRO C 293 16.64 -10.93 -9.50
C PRO C 293 17.30 -10.81 -8.14
N ASP C 294 18.44 -10.14 -8.02
CA ASP C 294 19.12 -10.05 -6.72
C ASP C 294 20.03 -8.83 -6.61
N HIS C 295 20.88 -8.78 -5.56
CA HIS C 295 21.61 -7.58 -5.21
C HIS C 295 23.13 -7.71 -5.40
N ALA C 296 23.77 -6.56 -5.55
CA ALA C 296 25.18 -6.47 -5.93
C ALA C 296 26.09 -6.99 -4.84
N GLU C 297 25.67 -6.88 -3.58
CA GLU C 297 26.55 -7.25 -2.47
C GLU C 297 26.71 -8.75 -2.34
N ARG C 298 25.96 -9.49 -3.15
CA ARG C 298 26.15 -10.91 -3.23
C ARG C 298 27.26 -11.25 -4.23
N TYR C 299 27.90 -10.25 -4.85
CA TYR C 299 28.96 -10.48 -5.86
C TYR C 299 30.18 -9.58 -5.73
N LEU C 300 30.46 -9.08 -4.53
CA LEU C 300 31.57 -8.16 -4.39
C LEU C 300 32.91 -8.80 -4.85
N SER C 301 33.05 -10.10 -4.64
CA SER C 301 34.27 -10.85 -5.04
C SER C 301 34.49 -10.94 -6.56
N ILE C 302 33.49 -10.62 -7.37
CA ILE C 302 33.61 -10.74 -8.83
C ILE C 302 33.58 -9.36 -9.48
N HIS D 11 11.15 11.05 -12.66
CA HIS D 11 10.16 10.07 -12.10
C HIS D 11 10.42 9.73 -10.63
N HIS D 12 11.27 10.54 -10.00
CA HIS D 12 11.39 10.53 -8.55
C HIS D 12 11.67 9.13 -8.01
N MET D 13 12.70 8.50 -8.57
CA MET D 13 13.05 7.13 -8.20
C MET D 13 13.33 6.98 -6.72
N MET D 14 14.28 7.74 -6.21
CA MET D 14 14.73 7.55 -4.85
C MET D 14 13.66 7.97 -3.89
N GLU D 15 12.92 9.01 -4.25
CA GLU D 15 11.78 9.45 -3.42
C GLU D 15 10.80 8.29 -3.24
N ARG D 16 10.50 7.55 -4.30
CA ARG D 16 9.52 6.47 -4.17
C ARG D 16 10.01 5.20 -3.48
N LEU D 17 11.26 4.85 -3.70
CA LEU D 17 11.85 3.63 -3.13
C LEU D 17 12.18 3.71 -1.63
N ILE D 18 12.52 4.89 -1.13
CA ILE D 18 12.99 5.01 0.26
C ILE D 18 11.80 5.05 1.24
N GLY D 19 11.89 4.25 2.30
CA GLY D 19 10.87 4.23 3.33
C GLY D 19 9.85 3.13 3.13
N SER D 20 8.80 3.20 3.94
CA SER D 20 7.69 2.25 3.93
C SER D 20 8.19 0.82 4.07
N THR D 21 9.05 0.62 5.06
CA THR D 21 9.62 -0.68 5.35
C THR D 21 8.72 -1.47 6.29
N PRO D 22 8.81 -2.78 6.25
CA PRO D 22 7.92 -3.60 7.05
C PRO D 22 8.40 -3.76 8.48
N ILE D 23 7.48 -4.17 9.34
CA ILE D 23 7.78 -4.57 10.69
C ILE D 23 7.38 -6.03 10.85
N VAL D 24 8.23 -6.78 11.50
CA VAL D 24 7.98 -8.19 11.79
C VAL D 24 8.09 -8.46 13.28
N ARG D 25 7.24 -9.36 13.76
CA ARG D 25 7.25 -9.75 15.16
C ARG D 25 8.19 -10.90 15.32
N LEU D 26 9.04 -10.87 16.33
CA LEU D 26 10.10 -11.89 16.47
C LEU D 26 9.59 -13.07 17.29
N ASP D 27 8.57 -13.76 16.80
CA ASP D 27 7.93 -14.78 17.63
C ASP D 27 8.74 -16.05 17.78
N SER D 28 9.89 -16.16 17.13
CA SER D 28 10.80 -17.27 17.47
C SER D 28 11.81 -16.88 18.55
N ILE D 29 11.94 -15.59 18.85
CA ILE D 29 12.84 -15.09 19.89
C ILE D 29 12.06 -14.58 21.11
N ASP D 30 11.22 -13.59 20.90
CA ASP D 30 10.33 -13.10 21.94
C ASP D 30 9.23 -12.34 21.22
N SER D 31 8.00 -12.83 21.32
CA SER D 31 6.89 -12.23 20.60
C SER D 31 6.55 -10.77 21.01
N ARG D 32 7.15 -10.26 22.10
CA ARG D 32 6.93 -8.84 22.48
C ARG D 32 7.79 -7.86 21.67
N ILE D 33 8.74 -8.38 20.91
CA ILE D 33 9.64 -7.54 20.11
C ILE D 33 9.21 -7.47 18.64
N PHE D 34 9.16 -6.24 18.14
CA PHE D 34 8.71 -5.92 16.80
C PHE D 34 9.86 -5.21 16.14
N LEU D 35 10.28 -5.71 14.97
CA LEU D 35 11.49 -5.23 14.30
C LEU D 35 11.23 -4.63 12.92
N LYS D 36 11.67 -3.38 12.73
CA LYS D 36 11.47 -2.67 11.47
C LYS D 36 12.67 -2.86 10.55
N LEU D 37 12.42 -3.42 9.38
CA LEU D 37 13.50 -3.94 8.54
C LEU D 37 13.97 -2.88 7.56
N GLU D 38 14.91 -2.06 8.00
CA GLU D 38 15.41 -0.98 7.18
C GLU D 38 16.30 -1.38 5.99
N LYS D 39 16.72 -2.64 5.90
CA LYS D 39 17.46 -3.16 4.71
C LYS D 39 16.65 -3.18 3.43
N ASN D 40 15.33 -3.00 3.57
CA ASN D 40 14.45 -2.99 2.43
C ASN D 40 14.61 -1.71 1.60
N ASN D 41 15.19 -0.68 2.19
CA ASN D 41 15.57 0.56 1.48
C ASN D 41 16.57 0.25 0.35
N PRO D 42 16.57 1.04 -0.72
CA PRO D 42 17.39 0.68 -1.91
C PRO D 42 18.88 0.66 -1.65
N GLY D 43 19.33 1.44 -0.70
CA GLY D 43 20.74 1.42 -0.28
C GLY D 43 21.06 0.39 0.80
N GLY D 44 20.07 -0.40 1.20
CA GLY D 44 20.26 -1.44 2.19
C GLY D 44 20.38 -1.00 3.63
N SER D 45 20.01 0.24 3.94
CA SER D 45 20.04 0.69 5.31
C SER D 45 19.05 1.81 5.59
N VAL D 46 18.87 2.06 6.89
CA VAL D 46 18.07 3.16 7.40
C VAL D 46 18.57 4.51 6.92
N LYS D 47 19.86 4.60 6.56
CA LYS D 47 20.46 5.90 6.27
C LYS D 47 19.97 6.55 4.97
N ASP D 48 19.32 5.75 4.12
CA ASP D 48 18.72 6.26 2.91
C ASP D 48 17.78 7.42 3.26
N ARG D 49 17.07 7.32 4.39
CA ARG D 49 16.08 8.35 4.77
C ARG D 49 16.72 9.69 5.09
N PRO D 50 17.64 9.81 6.06
CA PRO D 50 18.28 11.11 6.29
C PRO D 50 19.09 11.59 5.07
N ALA D 51 19.75 10.68 4.35
CA ALA D 51 20.50 11.08 3.15
C ALA D 51 19.58 11.79 2.14
N LEU D 52 18.42 11.19 1.88
CA LEU D 52 17.45 11.78 0.96
C LEU D 52 17.04 13.20 1.44
N PHE D 53 16.61 13.29 2.69
CA PHE D 53 16.12 14.55 3.26
C PHE D 53 17.20 15.66 3.22
N MET D 54 18.41 15.33 3.64
CA MET D 54 19.51 16.31 3.66
C MET D 54 19.85 16.78 2.24
N ILE D 55 19.86 15.86 1.28
CA ILE D 55 20.18 16.21 -0.10
C ILE D 55 19.06 17.07 -0.73
N LEU D 56 17.79 16.72 -0.50
CA LEU D 56 16.70 17.53 -1.02
C LEU D 56 16.69 18.97 -0.46
N ASP D 57 16.95 19.09 0.84
CA ASP D 57 17.17 20.41 1.47
C ASP D 57 18.32 21.19 0.82
N ALA D 58 19.46 20.52 0.63
CA ALA D 58 20.63 21.17 0.08
C ALA D 58 20.34 21.60 -1.39
N GLU D 59 19.61 20.79 -2.13
CA GLU D 59 19.23 21.14 -3.49
C GLU D 59 18.37 22.41 -3.52
N LYS D 60 17.33 22.41 -2.69
CA LYS D 60 16.40 23.56 -2.50
C LYS D 60 17.18 24.85 -2.21
N ARG D 61 18.20 24.74 -1.35
CA ARG D 61 19.02 25.87 -0.94
C ARG D 61 20.22 26.17 -1.83
N GLY D 62 20.30 25.47 -2.97
CA GLY D 62 21.32 25.73 -3.95
C GLY D 62 22.73 25.51 -3.46
N LEU D 63 22.95 24.48 -2.63
CA LEU D 63 24.21 24.29 -1.97
C LEU D 63 25.16 23.31 -2.69
N LEU D 64 24.70 22.73 -3.80
CA LEU D 64 25.38 21.56 -4.37
C LEU D 64 26.07 21.79 -5.72
N LYS D 65 26.34 23.04 -6.07
CA LYS D 65 26.98 23.32 -7.38
C LYS D 65 28.29 22.54 -7.52
N ASN D 66 29.05 22.39 -6.44
CA ASN D 66 30.29 21.64 -6.49
C ASN D 66 30.22 20.23 -5.89
N GLY D 67 29.02 19.68 -5.80
CA GLY D 67 28.81 18.36 -5.20
C GLY D 67 28.86 18.30 -3.69
N ILE D 68 29.05 17.07 -3.18
CA ILE D 68 28.95 16.75 -1.79
C ILE D 68 30.28 16.18 -1.35
N VAL D 69 30.68 16.51 -0.13
CA VAL D 69 31.74 15.81 0.59
C VAL D 69 31.23 15.53 2.00
N GLU D 70 31.37 14.29 2.45
CA GLU D 70 30.94 13.90 3.77
C GLU D 70 31.89 12.84 4.33
N PRO D 71 32.27 12.98 5.61
CA PRO D 71 33.02 11.92 6.35
C PRO D 71 32.05 10.88 6.97
N THR D 72 32.20 9.55 6.78
CA THR D 72 31.18 8.59 7.37
C THR D 72 31.66 7.17 7.89
N SER D 73 30.88 6.47 8.74
CA SER D 73 31.27 5.09 9.18
C SER D 73 30.96 4.09 8.08
N GLY D 74 29.93 4.40 7.31
CA GLY D 74 29.66 3.63 6.14
C GLY D 74 28.28 3.75 5.55
N ASN D 75 27.23 3.41 6.31
CA ASN D 75 25.92 3.35 5.65
C ASN D 75 25.48 4.73 5.14
N MET D 76 25.79 5.81 5.88
CA MET D 76 25.45 7.17 5.36
C MET D 76 26.17 7.44 4.05
N GLY D 77 27.42 7.00 3.96
CA GLY D 77 28.20 7.15 2.73
C GLY D 77 27.56 6.42 1.57
N ILE D 78 27.09 5.20 1.83
CA ILE D 78 26.42 4.42 0.77
C ILE D 78 25.16 5.15 0.31
N ALA D 79 24.34 5.59 1.28
CA ALA D 79 23.11 6.30 0.96
C ALA D 79 23.39 7.56 0.15
N ILE D 80 24.35 8.35 0.60
CA ILE D 80 24.68 9.61 -0.11
C ILE D 80 25.25 9.26 -1.50
N ALA D 81 26.14 8.28 -1.58
CA ALA D 81 26.67 7.89 -2.90
C ALA D 81 25.62 7.46 -3.88
N MET D 82 24.66 6.66 -3.40
CA MET D 82 23.57 6.15 -4.22
C MET D 82 22.69 7.29 -4.75
N ILE D 83 22.24 8.16 -3.85
CA ILE D 83 21.35 9.25 -4.25
C ILE D 83 22.08 10.25 -5.17
N GLY D 84 23.35 10.53 -4.87
CA GLY D 84 24.18 11.37 -5.72
C GLY D 84 24.35 10.79 -7.13
N ALA D 85 24.55 9.47 -7.20
CA ALA D 85 24.69 8.78 -8.46
C ALA D 85 23.44 8.98 -9.31
N LYS D 86 22.28 8.71 -8.72
CA LYS D 86 21.00 8.87 -9.42
C LYS D 86 20.73 10.33 -9.77
N ARG D 87 20.95 11.24 -8.81
CA ARG D 87 20.53 12.64 -8.99
C ARG D 87 21.55 13.57 -9.65
N GLY D 88 22.74 13.06 -9.90
CA GLY D 88 23.76 13.78 -10.66
C GLY D 88 24.59 14.74 -9.82
N HIS D 89 24.93 14.32 -8.61
CA HIS D 89 25.81 15.08 -7.75
C HIS D 89 27.10 14.30 -7.60
N ARG D 90 28.22 14.99 -7.75
CA ARG D 90 29.52 14.46 -7.38
C ARG D 90 29.54 14.17 -5.87
N VAL D 91 30.06 13.00 -5.50
CA VAL D 91 30.12 12.60 -4.10
C VAL D 91 31.55 12.21 -3.72
N ILE D 92 32.13 12.95 -2.77
CA ILE D 92 33.44 12.62 -2.23
C ILE D 92 33.22 12.21 -0.80
N LEU D 93 33.83 11.08 -0.41
CA LEU D 93 33.68 10.57 0.93
C LEU D 93 35.05 10.35 1.59
N THR D 94 35.07 10.51 2.91
CA THR D 94 36.19 10.13 3.81
C THR D 94 35.69 9.10 4.90
N MET D 95 36.45 8.03 5.23
CA MET D 95 35.91 6.93 6.10
C MET D 95 37.00 6.28 6.98
N PRO D 96 36.67 5.84 8.21
CA PRO D 96 37.65 5.09 9.01
C PRO D 96 37.89 3.68 8.45
N GLU D 97 39.15 3.24 8.53
CA GLU D 97 39.59 1.93 7.99
C GLU D 97 39.05 0.74 8.77
N THR D 98 38.64 1.00 10.02
CA THR D 98 38.08 -0.03 10.91
C THR D 98 36.65 -0.45 10.56
N MET D 99 36.06 0.15 9.55
CA MET D 99 34.71 -0.22 9.09
C MET D 99 34.79 -1.28 7.97
N SER D 100 33.77 -2.13 7.86
CA SER D 100 33.83 -3.28 6.92
C SER D 100 34.33 -2.89 5.53
N VAL D 101 35.24 -3.68 4.99
CA VAL D 101 35.77 -3.43 3.65
C VAL D 101 34.67 -3.50 2.59
N GLU D 102 33.68 -4.36 2.81
CA GLU D 102 32.57 -4.48 1.87
C GLU D 102 32.02 -3.09 1.52
N ARG D 103 32.16 -2.16 2.47
CA ARG D 103 31.79 -0.75 2.26
C ARG D 103 32.60 -0.05 1.13
N ARG D 104 33.91 -0.29 1.06
CA ARG D 104 34.76 0.41 0.07
C ARG D 104 34.42 0.08 -1.40
N LYS D 105 34.12 -1.20 -1.62
CA LYS D 105 33.76 -1.71 -2.92
C LYS D 105 32.39 -1.16 -3.37
N VAL D 106 31.43 -1.19 -2.46
CA VAL D 106 30.09 -0.63 -2.72
C VAL D 106 30.17 0.85 -3.08
N LEU D 107 30.92 1.62 -2.33
CA LEU D 107 31.06 3.05 -2.61
C LEU D 107 31.63 3.31 -4.01
N LYS D 108 32.61 2.52 -4.43
CA LYS D 108 33.20 2.74 -5.77
C LYS D 108 32.22 2.33 -6.87
N MET D 109 31.46 1.26 -6.62
CA MET D 109 30.42 0.78 -7.53
C MET D 109 29.41 1.90 -7.83
N LEU D 110 29.12 2.71 -6.82
CA LEU D 110 28.15 3.79 -6.89
C LEU D 110 28.82 5.08 -7.39
N GLY D 111 30.14 5.01 -7.68
CA GLY D 111 30.83 6.12 -8.31
C GLY D 111 31.27 7.23 -7.38
N ALA D 112 31.35 6.92 -6.09
CA ALA D 112 31.82 7.89 -5.11
C ALA D 112 33.30 7.97 -5.25
N GLU D 113 33.85 9.16 -5.05
CA GLU D 113 35.30 9.38 -5.06
C GLU D 113 35.75 9.27 -3.63
N LEU D 114 36.66 8.34 -3.36
CA LEU D 114 37.11 8.10 -1.99
C LEU D 114 38.46 8.78 -1.69
N VAL D 115 38.54 9.41 -0.52
CA VAL D 115 39.74 10.15 -0.07
C VAL D 115 40.05 9.89 1.39
N ALA D 130 37.89 16.37 4.74
CA ALA D 130 36.54 16.79 4.29
C ALA D 130 36.42 18.31 4.31
N LEU D 131 36.74 18.91 5.46
CA LEU D 131 36.76 20.37 5.58
C LEU D 131 37.65 20.99 4.53
N GLU D 132 38.87 20.46 4.40
CA GLU D 132 39.83 20.97 3.44
C GLU D 132 39.31 20.80 2.03
N ILE D 133 38.80 19.59 1.75
CA ILE D 133 38.19 19.31 0.45
C ILE D 133 37.07 20.32 0.22
N SER D 134 36.17 20.44 1.19
CA SER D 134 35.08 21.40 1.05
C SER D 134 35.60 22.81 0.78
N ARG D 135 36.63 23.21 1.50
CA ARG D 135 37.26 24.53 1.32
C ARG D 135 37.88 24.65 -0.06
N GLU D 136 38.67 23.65 -0.44
CA GLU D 136 39.36 23.60 -1.74
C GLU D 136 38.42 23.47 -2.94
N THR D 137 37.44 22.55 -2.85
CA THR D 137 36.58 22.23 -4.00
C THR D 137 35.27 23.02 -4.00
N GLY D 138 34.84 23.46 -2.82
CA GLY D 138 33.51 24.05 -2.66
C GLY D 138 32.45 22.99 -2.48
N ALA D 139 32.86 21.71 -2.44
CA ALA D 139 31.93 20.61 -2.21
C ALA D 139 31.28 20.85 -0.85
N HIS D 140 30.02 20.48 -0.76
CA HIS D 140 29.22 20.79 0.38
C HIS D 140 29.12 19.64 1.37
N MET D 141 29.33 19.94 2.65
CA MET D 141 29.23 18.95 3.72
C MET D 141 27.83 18.96 4.23
N LEU D 142 27.19 17.79 4.23
CA LEU D 142 25.81 17.68 4.72
C LEU D 142 25.76 17.71 6.28
N ASN D 143 26.84 17.26 6.91
CA ASN D 143 27.01 17.27 8.37
C ASN D 143 25.94 16.43 9.09
N GLN D 144 26.05 15.11 8.93
CA GLN D 144 25.04 14.16 9.41
C GLN D 144 24.73 14.21 10.91
N PHE D 145 25.70 14.67 11.71
CA PHE D 145 25.53 14.78 13.17
C PHE D 145 24.92 16.11 13.63
N GLU D 146 24.75 17.05 12.68
CA GLU D 146 24.29 18.40 13.00
C GLU D 146 23.08 18.87 12.18
N ASN D 147 22.79 18.17 11.10
CA ASN D 147 21.75 18.59 10.14
C ASN D 147 20.34 18.21 10.60
N PRO D 148 19.47 19.19 10.86
CA PRO D 148 18.10 18.90 11.34
C PRO D 148 17.26 18.00 10.41
N TYR D 149 17.60 18.01 9.12
CA TYR D 149 16.91 17.14 8.15
C TYR D 149 17.13 15.64 8.39
N ASN D 150 18.17 15.30 9.11
CA ASN D 150 18.37 13.89 9.51
C ASN D 150 17.19 13.53 10.44
N VAL D 151 16.99 14.31 11.51
CA VAL D 151 15.85 14.11 12.40
C VAL D 151 14.49 14.18 11.64
N TYR D 152 14.30 15.20 10.79
CA TYR D 152 13.07 15.32 10.05
C TYR D 152 12.75 14.09 9.25
N SER D 153 13.76 13.41 8.69
CA SER D 153 13.48 12.21 7.88
C SER D 153 12.72 11.18 8.71
N HIS D 154 13.07 11.03 9.99
CA HIS D 154 12.42 10.09 10.88
C HIS D 154 11.14 10.64 11.49
N GLN D 155 11.08 11.96 11.65
CA GLN D 155 9.88 12.58 12.19
C GLN D 155 8.73 12.54 11.21
N PHE D 156 9.07 12.59 9.92
CA PHE D 156 8.06 12.62 8.86
C PHE D 156 7.87 11.32 8.09
N THR D 157 8.80 10.35 8.21
CA THR D 157 8.63 9.05 7.55
C THR D 157 8.64 7.89 8.56
N THR D 158 9.79 7.59 9.17
CA THR D 158 9.93 6.43 10.05
C THR D 158 8.91 6.40 11.19
N GLY D 159 8.79 7.52 11.89
CA GLY D 159 7.90 7.64 13.06
C GLY D 159 6.45 7.44 12.74
N PRO D 160 5.93 8.21 11.78
CA PRO D 160 4.58 7.99 11.28
C PRO D 160 4.35 6.54 10.84
N GLU D 161 5.29 5.92 10.13
CA GLU D 161 5.15 4.53 9.74
C GLU D 161 4.97 3.61 10.95
N ILE D 162 5.83 3.75 11.96
CA ILE D 162 5.81 2.88 13.13
C ILE D 162 4.50 3.00 13.87
N LEU D 163 4.07 4.23 14.04
CA LEU D 163 2.87 4.49 14.84
C LEU D 163 1.66 3.73 14.24
N LYS D 164 1.48 3.85 12.95
CA LYS D 164 0.37 3.17 12.25
C LYS D 164 0.57 1.66 12.12
N GLN D 165 1.79 1.24 11.75
CA GLN D 165 2.07 -0.20 11.66
C GLN D 165 1.80 -0.96 12.94
N MET D 166 2.03 -0.29 14.07
CA MET D 166 1.83 -0.89 15.37
C MET D 166 0.40 -0.71 15.90
N ASP D 167 -0.51 -0.33 15.02
CA ASP D 167 -1.92 -0.10 15.41
C ASP D 167 -2.09 0.88 16.60
N TYR D 168 -1.19 1.85 16.69
CA TYR D 168 -1.25 2.88 17.72
C TYR D 168 -1.10 2.32 19.14
N GLN D 169 -0.40 1.18 19.25
CA GLN D 169 -0.17 0.52 20.51
C GLN D 169 1.31 0.13 20.67
N ILE D 170 2.05 0.92 21.47
CA ILE D 170 3.49 0.76 21.67
C ILE D 170 3.79 1.04 23.13
N ASP D 171 4.46 0.11 23.80
CA ASP D 171 4.94 0.36 25.14
C ASP D 171 6.34 0.97 25.21
N ALA D 172 7.19 0.58 24.28
CA ALA D 172 8.55 1.09 24.22
C ALA D 172 9.10 1.05 22.81
N PHE D 173 9.96 2.03 22.53
CA PHE D 173 10.73 2.11 21.29
C PHE D 173 12.18 2.17 21.71
N VAL D 174 12.99 1.28 21.14
CA VAL D 174 14.38 1.03 21.53
C VAL D 174 15.24 1.21 20.28
N ALA D 175 16.30 2.00 20.37
CA ALA D 175 17.14 2.21 19.21
C ALA D 175 18.53 2.70 19.58
N GLY D 176 19.52 2.08 18.95
CA GLY D 176 20.86 2.52 19.06
C GLY D 176 20.98 3.91 18.46
N VAL D 177 21.92 4.67 18.99
CA VAL D 177 22.25 6.01 18.54
C VAL D 177 23.56 5.99 17.78
N GLY D 178 23.50 6.37 16.50
CA GLY D 178 24.70 6.66 15.68
C GLY D 178 24.76 8.19 15.61
N THR D 179 23.99 8.74 14.69
CA THR D 179 23.75 10.18 14.64
C THR D 179 22.70 10.62 15.60
N GLY D 180 21.82 9.71 15.99
CA GLY D 180 20.70 10.04 16.86
C GLY D 180 19.46 10.50 16.12
N GLY D 181 19.52 10.49 14.78
CA GLY D 181 18.36 10.91 14.01
C GLY D 181 17.15 10.01 14.19
N THR D 182 17.37 8.69 14.12
CA THR D 182 16.26 7.74 14.27
C THR D 182 15.53 7.92 15.60
N ILE D 183 16.24 7.82 16.70
CA ILE D 183 15.56 7.92 18.02
C ILE D 183 14.90 9.28 18.24
N SER D 184 15.52 10.34 17.73
CA SER D 184 14.97 11.69 17.87
C SER D 184 13.68 11.90 17.08
N GLY D 185 13.66 11.51 15.81
CA GLY D 185 12.51 11.71 14.98
C GLY D 185 11.36 10.81 15.35
N VAL D 186 11.66 9.54 15.56
CA VAL D 186 10.64 8.59 16.01
C VAL D 186 10.12 8.99 17.40
N GLY D 187 11.03 9.27 18.33
CA GLY D 187 10.64 9.64 19.68
C GLY D 187 9.74 10.89 19.74
N ARG D 188 10.01 11.86 18.89
CA ARG D 188 9.13 13.05 18.83
C ARG D 188 7.70 12.66 18.48
N VAL D 189 7.55 11.79 17.48
CA VAL D 189 6.24 11.34 17.06
C VAL D 189 5.57 10.49 18.14
N LEU D 190 6.31 9.53 18.70
CA LEU D 190 5.69 8.63 19.68
C LEU D 190 5.38 9.35 20.98
N LYS D 191 6.23 10.25 21.39
CA LYS D 191 5.90 11.07 22.58
C LYS D 191 4.70 11.97 22.31
N GLY D 192 4.59 12.51 21.10
CA GLY D 192 3.44 13.32 20.71
C GLY D 192 2.16 12.54 20.93
N PHE D 193 2.13 11.31 20.46
CA PHE D 193 0.90 10.51 20.53
C PHE D 193 0.65 9.92 21.93
N PHE D 194 1.69 9.33 22.52
CA PHE D 194 1.52 8.54 23.75
C PHE D 194 1.84 9.27 25.05
N GLY D 195 2.59 10.36 24.98
CA GLY D 195 3.15 11.01 26.16
C GLY D 195 3.99 10.06 26.98
N ASN D 196 3.84 10.12 28.30
CA ASN D 196 4.56 9.19 29.21
C ASN D 196 4.08 7.73 29.13
N GLY D 197 3.09 7.46 28.31
CA GLY D 197 2.65 6.09 28.06
C GLY D 197 3.55 5.30 27.13
N VAL D 198 4.59 5.95 26.58
CA VAL D 198 5.63 5.24 25.81
C VAL D 198 7.03 5.52 26.39
N LYS D 199 7.86 4.48 26.47
CA LYS D 199 9.27 4.60 26.90
C LYS D 199 10.18 4.58 25.67
N ILE D 200 11.05 5.57 25.58
CA ILE D 200 12.04 5.73 24.49
C ILE D 200 13.42 5.41 25.11
N VAL D 201 14.06 4.37 24.59
CA VAL D 201 15.27 3.86 25.18
C VAL D 201 16.37 3.94 24.13
N ALA D 202 17.42 4.73 24.41
CA ALA D 202 18.61 4.78 23.58
C ALA D 202 19.53 3.62 23.92
N VAL D 203 20.20 3.08 22.91
CA VAL D 203 21.14 1.98 23.10
C VAL D 203 22.54 2.49 22.69
N GLU D 204 23.54 2.12 23.46
CA GLU D 204 24.95 2.42 23.13
C GLU D 204 25.85 1.27 23.60
N PRO D 205 27.09 1.21 23.08
CA PRO D 205 27.99 0.14 23.48
C PRO D 205 28.45 0.30 24.91
N ALA D 206 28.51 -0.79 25.66
CA ALA D 206 29.08 -0.75 26.99
C ALA D 206 30.51 -0.19 26.97
N LYS D 207 31.21 -0.44 25.87
CA LYS D 207 32.60 -0.01 25.72
C LYS D 207 32.73 1.49 25.39
N SER D 208 31.63 2.16 25.02
CA SER D 208 31.64 3.62 24.72
C SER D 208 30.36 4.28 25.25
N PRO D 209 30.19 4.25 26.58
CA PRO D 209 28.93 4.62 27.21
C PRO D 209 28.81 6.13 27.45
N VAL D 210 28.90 6.90 26.37
CA VAL D 210 28.91 8.36 26.45
C VAL D 210 27.58 8.95 26.86
N LEU D 211 26.47 8.45 26.32
CA LEU D 211 25.15 8.96 26.71
C LEU D 211 24.83 8.67 28.17
N SER D 212 25.43 7.59 28.70
CA SER D 212 25.31 7.19 30.10
C SER D 212 26.28 7.92 31.04
N GLY D 213 27.06 8.87 30.51
CA GLY D 213 27.99 9.65 31.33
C GLY D 213 29.41 9.18 31.35
N GLY D 214 29.72 8.11 30.62
CA GLY D 214 31.05 7.53 30.65
C GLY D 214 31.96 8.03 29.56
N GLN D 215 33.13 7.41 29.47
CA GLN D 215 34.17 7.78 28.52
C GLN D 215 34.06 7.00 27.21
N PRO D 216 34.35 7.68 26.10
CA PRO D 216 34.33 7.03 24.78
C PRO D 216 35.38 5.93 24.70
N GLY D 217 35.12 4.93 23.88
CA GLY D 217 36.07 3.87 23.68
C GLY D 217 35.84 3.14 22.37
N LYS D 218 36.88 2.45 21.96
CA LYS D 218 36.87 1.60 20.78
C LYS D 218 35.91 0.45 21.02
N HIS D 219 35.08 0.14 20.03
CA HIS D 219 34.13 -0.98 20.12
C HIS D 219 33.79 -1.50 18.74
N ALA D 220 33.12 -2.64 18.70
CA ALA D 220 32.84 -3.37 17.47
C ALA D 220 31.41 -3.29 16.95
N ILE D 221 30.56 -2.47 17.58
CA ILE D 221 29.16 -2.39 17.19
C ILE D 221 29.01 -1.36 16.07
N GLN D 222 29.35 -1.82 14.87
CA GLN D 222 29.38 -0.94 13.73
C GLN D 222 28.08 -0.22 13.56
N GLY D 223 28.12 1.09 13.33
CA GLY D 223 26.89 1.87 13.13
C GLY D 223 26.36 2.66 14.30
N ILE D 224 26.74 2.31 15.52
CA ILE D 224 26.36 3.10 16.70
C ILE D 224 27.61 3.51 17.50
N GLY D 225 27.44 4.42 18.47
CA GLY D 225 28.48 4.69 19.41
C GLY D 225 29.64 5.49 18.83
N ALA D 226 29.32 6.71 18.40
CA ALA D 226 30.26 7.60 17.72
C ALA D 226 31.32 8.19 18.64
N GLY D 227 31.09 8.08 19.96
CA GLY D 227 32.05 8.56 20.94
C GLY D 227 31.90 9.99 21.43
N PHE D 228 30.77 10.59 21.07
CA PHE D 228 30.37 11.94 21.46
C PHE D 228 28.87 12.01 21.40
N VAL D 229 28.28 13.08 21.94
CA VAL D 229 26.84 13.24 21.91
C VAL D 229 26.52 14.07 20.66
N PRO D 230 25.85 13.52 19.65
CA PRO D 230 25.52 14.34 18.46
C PRO D 230 24.63 15.55 18.75
N LYS D 231 24.90 16.67 18.06
CA LYS D 231 24.12 17.87 18.20
C LYS D 231 22.66 17.65 17.94
N ILE D 232 22.31 16.77 16.99
CA ILE D 232 20.90 16.55 16.65
C ILE D 232 20.17 15.64 17.61
N LEU D 233 20.88 15.00 18.54
CA LEU D 233 20.23 14.08 19.45
C LEU D 233 19.27 14.90 20.32
N ASP D 234 17.99 14.57 20.26
CA ASP D 234 16.97 15.25 21.05
C ASP D 234 16.79 14.50 22.35
N ARG D 235 17.50 14.94 23.38
CA ARG D 235 17.50 14.20 24.64
C ARG D 235 16.20 14.36 25.41
N SER D 236 15.39 15.33 25.00
CA SER D 236 14.08 15.58 25.59
C SER D 236 13.06 14.45 25.39
N VAL D 237 13.27 13.58 24.39
CA VAL D 237 12.31 12.52 24.13
C VAL D 237 12.80 11.16 24.61
N ILE D 238 13.97 11.13 25.23
CA ILE D 238 14.59 9.88 25.61
C ILE D 238 14.44 9.67 27.12
N ASP D 239 13.98 8.49 27.49
CA ASP D 239 13.70 8.14 28.90
C ASP D 239 14.84 7.42 29.58
N GLU D 240 15.58 6.62 28.83
CA GLU D 240 16.65 5.89 29.46
C GLU D 240 17.64 5.48 28.43
N VAL D 241 18.84 5.19 28.87
CA VAL D 241 19.89 4.63 28.03
C VAL D 241 20.25 3.24 28.54
N ILE D 242 20.34 2.29 27.64
CA ILE D 242 20.80 0.96 27.96
C ILE D 242 22.08 0.65 27.19
N THR D 243 22.99 -0.09 27.81
CA THR D 243 24.15 -0.55 27.06
C THR D 243 24.09 -2.03 26.68
N VAL D 244 24.86 -2.35 25.63
CA VAL D 244 24.96 -3.72 25.12
C VAL D 244 26.47 -4.00 24.94
N GLU D 245 26.91 -5.20 25.27
CA GLU D 245 28.27 -5.63 25.01
C GLU D 245 28.47 -5.97 23.54
N ASP D 246 29.69 -5.85 23.03
CA ASP D 246 29.97 -6.22 21.63
C ASP D 246 29.53 -7.65 21.36
N GLU D 247 29.81 -8.55 22.30
CA GLU D 247 29.50 -9.95 22.09
C GLU D 247 28.02 -10.23 22.06
N GLU D 248 27.25 -9.51 22.88
CA GLU D 248 25.78 -9.60 22.83
C GLU D 248 25.22 -9.20 21.46
N ALA D 249 25.79 -8.14 20.87
CA ALA D 249 25.31 -7.67 19.59
C ALA D 249 25.59 -8.73 18.51
N TYR D 250 26.80 -9.28 18.49
CA TYR D 250 27.14 -10.29 17.51
C TYR D 250 26.28 -11.53 17.68
N GLU D 251 26.13 -11.99 18.92
CA GLU D 251 25.38 -13.23 19.18
C GLU D 251 23.93 -13.08 18.73
N MET D 252 23.32 -11.94 19.06
CA MET D 252 21.93 -11.72 18.64
C MET D 252 21.78 -11.58 17.12
N ALA D 253 22.71 -10.92 16.44
CA ALA D 253 22.68 -10.87 14.97
C ALA D 253 22.68 -12.29 14.38
N ARG D 254 23.59 -13.14 14.88
CA ARG D 254 23.64 -14.53 14.43
C ARG D 254 22.33 -15.27 14.77
N TYR D 255 21.80 -15.00 15.94
CA TYR D 255 20.55 -15.61 16.37
C TYR D 255 19.36 -15.22 15.49
N LEU D 256 19.31 -13.96 15.11
CA LEU D 256 18.24 -13.50 14.20
C LEU D 256 18.30 -14.25 12.86
N ALA D 257 19.50 -14.49 12.34
CA ALA D 257 19.57 -15.18 11.06
C ALA D 257 19.15 -16.66 11.23
N LYS D 258 19.62 -17.29 12.30
CA LYS D 258 19.42 -18.72 12.52
C LYS D 258 18.01 -19.03 12.97
N LYS D 259 17.42 -18.20 13.81
CA LYS D 259 16.09 -18.49 14.38
C LYS D 259 14.95 -17.82 13.63
N GLU D 260 15.18 -16.62 13.10
CA GLU D 260 14.12 -15.91 12.43
C GLU D 260 14.29 -15.88 10.91
N GLY D 261 15.45 -16.29 10.41
CA GLY D 261 15.76 -16.16 9.01
C GLY D 261 15.96 -14.72 8.55
N LEU D 262 16.29 -13.83 9.49
CA LEU D 262 16.44 -12.41 9.20
C LEU D 262 17.91 -12.05 9.04
N LEU D 263 18.32 -11.71 7.80
CA LEU D 263 19.71 -11.42 7.51
C LEU D 263 20.04 -9.95 7.83
N VAL D 264 20.31 -9.70 9.10
CA VAL D 264 20.49 -8.32 9.61
C VAL D 264 21.92 -8.13 10.11
N GLY D 265 22.34 -6.87 10.21
CA GLY D 265 23.69 -6.49 10.61
C GLY D 265 23.93 -6.44 12.12
N ILE D 266 25.11 -5.97 12.49
CA ILE D 266 25.53 -6.01 13.86
C ILE D 266 24.69 -5.04 14.71
N SER D 267 24.42 -3.85 14.21
CA SER D 267 23.62 -2.90 14.98
C SER D 267 22.17 -3.38 15.20
N SER D 268 21.68 -4.22 14.31
CA SER D 268 20.38 -4.88 14.49
C SER D 268 20.44 -5.84 15.67
N GLY D 269 21.53 -6.60 15.77
CA GLY D 269 21.69 -7.48 16.92
C GLY D 269 21.74 -6.71 18.22
N ALA D 270 22.42 -5.56 18.21
CA ALA D 270 22.53 -4.70 19.37
C ALA D 270 21.14 -4.23 19.78
N ASN D 271 20.35 -3.77 18.80
CA ASN D 271 19.02 -3.21 19.05
C ASN D 271 18.07 -4.25 19.62
N VAL D 272 18.12 -5.46 19.06
CA VAL D 272 17.20 -6.53 19.54
C VAL D 272 17.59 -7.05 20.93
N ALA D 273 18.89 -7.18 21.16
CA ALA D 273 19.43 -7.55 22.47
C ALA D 273 18.95 -6.58 23.54
N ALA D 274 19.06 -5.30 23.21
CA ALA D 274 18.56 -4.24 24.10
C ALA D 274 17.05 -4.30 24.25
N ALA D 275 16.35 -4.46 23.14
CA ALA D 275 14.89 -4.54 23.20
C ALA D 275 14.41 -5.73 24.05
N LEU D 276 15.13 -6.84 23.99
CA LEU D 276 14.79 -8.00 24.83
C LEU D 276 14.93 -7.69 26.32
N LYS D 277 15.97 -6.95 26.69
CA LYS D 277 16.17 -6.54 28.08
C LYS D 277 15.06 -5.63 28.56
N VAL D 278 14.64 -4.74 27.67
CA VAL D 278 13.53 -3.85 27.94
C VAL D 278 12.21 -4.62 28.09
N ALA D 279 11.92 -5.54 27.17
CA ALA D 279 10.69 -6.34 27.20
C ALA D 279 10.62 -7.18 28.47
N GLN D 280 11.74 -7.78 28.83
CA GLN D 280 11.77 -8.67 30.02
C GLN D 280 11.37 -7.97 31.32
N LYS D 281 11.60 -6.66 31.39
CA LYS D 281 11.15 -5.86 32.52
C LYS D 281 9.66 -5.50 32.49
N LEU D 282 8.99 -5.78 31.37
CA LEU D 282 7.59 -5.41 31.18
C LEU D 282 6.70 -6.66 31.28
N GLY D 283 5.39 -6.47 31.14
CA GLY D 283 4.46 -7.59 31.13
C GLY D 283 4.54 -8.49 29.91
N PRO D 284 3.89 -9.66 30.01
CA PRO D 284 3.78 -10.60 28.89
C PRO D 284 3.15 -10.03 27.61
N ASP D 285 2.39 -8.94 27.72
CA ASP D 285 1.70 -8.39 26.56
C ASP D 285 2.30 -7.07 26.10
N ALA D 286 3.46 -6.71 26.64
CA ALA D 286 4.18 -5.50 26.16
C ALA D 286 4.47 -5.61 24.67
N ARG D 287 4.54 -4.44 24.02
CA ARG D 287 4.87 -4.33 22.62
C ARG D 287 6.06 -3.37 22.57
N VAL D 288 7.23 -3.92 22.23
CA VAL D 288 8.48 -3.19 22.19
C VAL D 288 8.96 -3.17 20.74
N VAL D 289 9.13 -1.96 20.18
CA VAL D 289 9.52 -1.78 18.78
C VAL D 289 10.99 -1.39 18.71
N THR D 290 11.73 -1.99 17.80
CA THR D 290 13.04 -1.54 17.48
C THR D 290 13.30 -1.61 15.97
N VAL D 291 14.50 -1.23 15.57
CA VAL D 291 14.88 -1.12 14.17
C VAL D 291 16.07 -2.07 13.88
N ALA D 292 16.06 -2.69 12.69
CA ALA D 292 17.21 -3.37 12.10
C ALA D 292 17.85 -2.44 11.03
N PRO D 293 18.89 -1.69 11.37
CA PRO D 293 19.41 -0.69 10.42
C PRO D 293 19.92 -1.17 9.06
N ASP D 294 20.48 -2.37 8.97
CA ASP D 294 21.04 -2.85 7.69
C ASP D 294 21.11 -4.37 7.63
N HIS D 295 21.82 -4.91 6.63
CA HIS D 295 21.75 -6.32 6.32
C HIS D 295 23.05 -7.06 6.55
N ALA D 296 22.92 -8.36 6.69
CA ALA D 296 24.02 -9.19 7.14
C ALA D 296 25.11 -9.28 6.09
N GLU D 297 24.76 -9.12 4.82
CA GLU D 297 25.72 -9.34 3.75
C GLU D 297 26.68 -8.19 3.57
N ARG D 298 26.45 -7.12 4.31
CA ARG D 298 27.40 -6.06 4.51
C ARG D 298 28.50 -6.39 5.55
N TYR D 299 28.46 -7.59 6.17
CA TYR D 299 29.38 -8.01 7.26
C TYR D 299 29.94 -9.43 7.16
N LEU D 300 29.92 -10.02 5.97
CA LEU D 300 30.35 -11.42 5.81
C LEU D 300 31.77 -11.66 6.33
N SER D 301 32.64 -10.70 6.07
CA SER D 301 34.03 -10.78 6.54
C SER D 301 34.15 -10.80 8.06
N ILE D 302 33.13 -10.43 8.81
CA ILE D 302 33.28 -10.34 10.27
C ILE D 302 32.21 -11.04 11.12
N LEU D 303 30.99 -11.19 10.61
CA LEU D 303 29.90 -11.74 11.42
C LEU D 303 30.01 -13.28 11.51
P PO4 E . -24.13 -5.45 -12.12
O1 PO4 E . -25.21 -6.33 -11.58
O2 PO4 E . -22.95 -6.35 -12.58
O3 PO4 E . -24.51 -4.75 -13.39
O4 PO4 E . -23.59 -4.51 -11.09
P PO4 F . -20.30 -10.90 -9.59
O1 PO4 F . -20.78 -12.33 -9.54
O2 PO4 F . -18.80 -10.86 -9.81
O3 PO4 F . -20.92 -10.14 -10.76
O4 PO4 F . -20.65 -10.20 -8.29
P PO4 G . -11.17 20.18 9.16
O1 PO4 G . -12.18 19.97 10.26
O2 PO4 G . -9.91 19.35 9.48
O3 PO4 G . -11.72 19.72 7.81
O4 PO4 G . -10.72 21.63 9.18
P PO4 H . -17.75 18.20 11.55
O1 PO4 H . -18.62 17.91 12.75
O2 PO4 H . -16.30 18.30 11.99
O3 PO4 H . -17.84 16.95 10.68
O4 PO4 H . -18.19 19.41 10.84
P PO4 I . 13.77 -18.02 -12.76
O1 PO4 I . 12.33 -17.81 -12.35
O2 PO4 I . 14.29 -19.22 -11.97
O3 PO4 I . 13.89 -18.36 -14.24
O4 PO4 I . 14.59 -16.76 -12.49
P PO4 J . 18.87 -21.16 -8.50
O1 PO4 J . 18.85 -19.98 -7.54
O2 PO4 J . 19.39 -22.36 -7.77
O3 PO4 J . 17.50 -21.43 -9.08
O4 PO4 J . 19.75 -20.79 -9.67
P PO4 K . 20.99 6.83 13.67
O1 PO4 K . 21.20 7.04 15.16
O2 PO4 K . 22.16 7.41 12.91
O3 PO4 K . 20.96 5.34 13.38
O4 PO4 K . 19.66 7.40 13.23
P PO4 L . 27.15 6.58 9.51
O1 PO4 L . 26.05 7.47 9.97
O2 PO4 L . 28.35 7.36 9.01
O3 PO4 L . 27.67 5.75 10.66
O4 PO4 L . 26.61 5.65 8.42
#